data_7YXB
#
_entry.id   7YXB
#
_cell.length_a   96.891
_cell.length_b   111.485
_cell.length_c   212.540
_cell.angle_alpha   90.000
_cell.angle_beta   90.000
_cell.angle_gamma   90.000
#
_symmetry.space_group_name_H-M   'C 2 2 21'
#
loop_
_entity.id
_entity.type
_entity.pdbx_description
1 polymer 'HLA class II histocompatibility antigen, DR alpha chain'
2 polymer 'HLA class II histocompatibility antigen DR beta chain'
3 polymer 'CLIP peptide'
4 non-polymer 1,2-ETHANEDIOL
5 non-polymer 'CITRATE ANION'
6 water water
#
loop_
_entity_poly.entity_id
_entity_poly.type
_entity_poly.pdbx_seq_one_letter_code
_entity_poly.pdbx_strand_id
1 'polypeptide(L)'
;IKEEHVIIQAEFYLNPDQSGEFMFDFDGDEIFHVDMAKKETVWRLEEFGRFASFEAQGALANIAVDKANLEIMTKRSNYT
PITNVPPEVTVLTNSPVELREPNVLICFIDKFTPPVVNVTWLRNGKPVTTGVSETVFLPREDHLFRKFHYLPFLPSTEDV
YDCRVEHWGLDEPLLKHWEFDAPSPLPETTEV
;
A,C
2 'polypeptide(L)'
;DTRPRFLEQVKHECHFFNGTERVRFLDRYFYHQEEYVRFDSDVGEYRAVTELGRPDAEYWNSQKDLLEQKRAAVDTYCRH
NYGVGESFTVQRRVYPEVTVYPAKTQPLQHHNLLVCSVNGFYPGSIEVRWFRNGQEEKTGVVSTGLIQNGDWTFQTLVML
ETVPRSGEVYTCQVEHPSLTSPLTVEWRARSESAQSKV
;
B,D
3 'polypeptide(L)' AFAPVSKMRMATPLLMQAGN G,H
#
loop_
_chem_comp.id
_chem_comp.type
_chem_comp.name
_chem_comp.formula
EDO non-polymer 1,2-ETHANEDIOL 'C2 H6 O2'
FLC non-polymer 'CITRATE ANION' 'C6 H5 O7 -3'
#
# COMPACT_ATOMS: atom_id res chain seq x y z
N ILE A 1 -23.13 0.04 -15.41
CA ILE A 1 -21.84 -0.11 -16.07
C ILE A 1 -20.79 0.78 -15.38
N LYS A 2 -19.53 0.40 -15.47
CA LYS A 2 -18.46 1.17 -14.85
C LYS A 2 -18.22 2.49 -15.59
N GLU A 3 -17.75 3.49 -14.86
CA GLU A 3 -17.49 4.80 -15.43
C GLU A 3 -16.42 4.72 -16.51
N GLU A 4 -16.47 5.66 -17.45
CA GLU A 4 -15.45 5.75 -18.48
C GLU A 4 -14.30 6.68 -18.07
N HIS A 5 -14.58 7.78 -17.38
CA HIS A 5 -13.54 8.74 -17.04
C HIS A 5 -13.90 9.46 -15.75
N VAL A 6 -12.87 10.04 -15.13
CA VAL A 6 -13.02 10.81 -13.89
C VAL A 6 -12.08 12.00 -13.95
N ILE A 7 -12.61 13.20 -13.73
CA ILE A 7 -11.80 14.39 -13.57
C ILE A 7 -11.96 14.86 -12.13
N ILE A 8 -10.84 15.07 -11.44
CA ILE A 8 -10.85 15.53 -10.07
C ILE A 8 -10.03 16.80 -9.98
N GLN A 9 -10.64 17.85 -9.44
CA GLN A 9 -9.90 19.03 -9.00
C GLN A 9 -9.57 18.79 -7.53
N ALA A 10 -8.28 18.54 -7.23
CA ALA A 10 -7.82 18.23 -5.88
C ALA A 10 -7.07 19.42 -5.32
N GLU A 11 -7.34 19.74 -4.06
CA GLU A 11 -6.70 20.84 -3.37
C GLU A 11 -6.25 20.35 -2.00
N PHE A 12 -5.17 20.92 -1.48
CA PHE A 12 -4.90 20.66 -0.08
C PHE A 12 -4.22 21.86 0.54
N TYR A 13 -4.28 21.91 1.87
CA TYR A 13 -3.51 22.86 2.63
C TYR A 13 -2.98 22.15 3.87
N LEU A 14 -1.70 22.39 4.17
CA LEU A 14 -1.01 21.67 5.24
C LEU A 14 -0.40 22.66 6.22
N ASN A 15 -0.77 22.51 7.54
CA ASN A 15 -0.15 23.24 8.65
C ASN A 15 0.77 22.31 9.43
N PRO A 16 1.86 22.83 10.02
CA PRO A 16 2.24 24.25 10.06
C PRO A 16 3.12 24.66 8.87
N ASP A 17 3.33 23.74 7.94
CA ASP A 17 4.19 24.03 6.79
C ASP A 17 3.67 25.19 5.95
N GLN A 18 2.36 25.45 6.01
CA GLN A 18 1.70 26.45 5.18
C GLN A 18 1.94 26.16 3.69
N SER A 19 1.72 24.92 3.29
N SER A 19 1.72 24.91 3.30
CA SER A 19 1.88 24.50 1.91
CA SER A 19 1.87 24.48 1.92
C SER A 19 0.52 24.14 1.33
C SER A 19 0.51 24.14 1.33
N GLY A 20 0.20 24.73 0.19
CA GLY A 20 -1.05 24.46 -0.49
C GLY A 20 -0.80 23.89 -1.87
N GLU A 21 -1.77 23.17 -2.41
CA GLU A 21 -1.71 22.59 -3.74
C GLU A 21 -3.08 22.63 -4.40
N PHE A 22 -3.08 22.91 -5.70
CA PHE A 22 -4.30 22.94 -6.50
C PHE A 22 -3.94 22.31 -7.85
N MET A 23 -4.62 21.22 -8.19
CA MET A 23 -4.33 20.55 -9.44
C MET A 23 -5.59 19.91 -9.98
N PHE A 24 -5.57 19.59 -11.27
CA PHE A 24 -6.60 18.78 -11.91
C PHE A 24 -6.02 17.43 -12.29
N ASP A 25 -6.81 16.38 -12.05
CA ASP A 25 -6.43 15.00 -12.33
C ASP A 25 -7.42 14.45 -13.36
N PHE A 26 -6.93 13.72 -14.35
CA PHE A 26 -7.78 13.01 -15.32
C PHE A 26 -7.35 11.56 -15.34
N ASP A 27 -8.22 10.65 -14.88
CA ASP A 27 -7.92 9.22 -14.88
C ASP A 27 -6.55 8.93 -14.28
N GLY A 28 -6.16 9.71 -13.27
CA GLY A 28 -4.93 9.46 -12.56
C GLY A 28 -3.70 10.22 -13.04
N ASP A 29 -3.81 10.97 -14.14
CA ASP A 29 -2.70 11.80 -14.62
C ASP A 29 -3.01 13.27 -14.39
N GLU A 30 -1.96 14.04 -14.15
CA GLU A 30 -2.10 15.46 -13.84
C GLU A 30 -2.34 16.24 -15.13
N ILE A 31 -3.50 16.90 -15.23
CA ILE A 31 -3.69 17.84 -16.33
C ILE A 31 -2.83 19.08 -16.12
N PHE A 32 -2.89 19.66 -14.93
CA PHE A 32 -2.13 20.86 -14.62
C PHE A 32 -2.18 21.08 -13.11
N HIS A 33 -1.30 21.96 -12.62
CA HIS A 33 -1.41 22.48 -11.26
C HIS A 33 -1.12 23.97 -11.30
N VAL A 34 -1.44 24.67 -10.23
CA VAL A 34 -1.14 26.09 -10.13
C VAL A 34 0.14 26.26 -9.31
N ASP A 35 1.12 26.94 -9.88
CA ASP A 35 2.32 27.34 -9.13
C ASP A 35 1.92 28.38 -8.11
N MET A 36 1.92 27.99 -6.84
CA MET A 36 1.49 28.90 -5.78
C MET A 36 2.45 30.08 -5.60
N ALA A 37 3.73 29.90 -5.91
CA ALA A 37 4.67 31.02 -5.76
C ALA A 37 4.47 32.03 -6.88
N LYS A 38 4.35 31.56 -8.11
CA LYS A 38 4.27 32.44 -9.27
C LYS A 38 2.83 32.68 -9.73
N LYS A 39 1.84 32.06 -9.07
CA LYS A 39 0.43 32.29 -9.39
C LYS A 39 0.15 32.06 -10.88
N GLU A 40 0.61 30.92 -11.39
CA GLU A 40 0.44 30.64 -12.81
C GLU A 40 0.12 29.17 -13.01
N THR A 41 -0.59 28.91 -14.11
CA THR A 41 -1.00 27.56 -14.50
C THR A 41 0.16 26.82 -15.14
N VAL A 42 0.39 25.59 -14.70
CA VAL A 42 1.48 24.77 -15.23
C VAL A 42 0.85 23.50 -15.79
N TRP A 43 0.68 23.47 -17.12
CA TRP A 43 0.17 22.28 -17.79
C TRP A 43 1.21 21.15 -17.76
N ARG A 44 0.74 19.94 -17.49
CA ARG A 44 1.66 18.80 -17.35
C ARG A 44 2.40 18.51 -18.65
N LEU A 45 1.71 18.63 -19.78
CA LEU A 45 2.34 18.62 -21.09
C LEU A 45 2.05 19.95 -21.75
N GLU A 46 3.08 20.56 -22.34
CA GLU A 46 2.92 21.93 -22.84
C GLU A 46 1.77 22.04 -23.85
N GLU A 47 1.57 21.00 -24.66
CA GLU A 47 0.53 21.06 -25.69
C GLU A 47 -0.85 21.34 -25.11
N PHE A 48 -1.11 20.91 -23.86
CA PHE A 48 -2.43 21.12 -23.26
C PHE A 48 -2.82 22.59 -23.30
N GLY A 49 -1.86 23.48 -23.03
CA GLY A 49 -2.13 24.91 -23.02
C GLY A 49 -2.41 25.51 -24.37
N ARG A 50 -2.32 24.73 -25.44
CA ARG A 50 -2.77 25.19 -26.75
C ARG A 50 -4.24 24.84 -26.99
N PHE A 51 -4.87 24.11 -26.08
CA PHE A 51 -6.29 23.79 -26.19
C PHE A 51 -7.13 24.36 -25.07
N ALA A 52 -6.51 24.77 -23.96
CA ALA A 52 -7.25 25.15 -22.77
C ALA A 52 -6.51 26.26 -22.05
N SER A 53 -7.26 27.03 -21.27
CA SER A 53 -6.70 28.03 -20.37
C SER A 53 -7.27 27.81 -18.99
N PHE A 54 -6.56 28.32 -17.97
CA PHE A 54 -7.09 28.33 -16.62
C PHE A 54 -6.60 29.58 -15.90
N GLU A 55 -7.52 30.26 -15.21
CA GLU A 55 -7.21 31.48 -14.46
CA GLU A 55 -7.20 31.47 -14.46
C GLU A 55 -6.58 31.07 -13.13
N ALA A 56 -5.25 31.15 -13.04
CA ALA A 56 -4.57 30.66 -11.86
C ALA A 56 -4.94 31.43 -10.59
N GLN A 57 -5.26 32.72 -10.72
CA GLN A 57 -5.46 33.55 -9.53
C GLN A 57 -6.60 33.02 -8.66
N GLY A 58 -7.66 32.50 -9.27
CA GLY A 58 -8.77 31.97 -8.48
C GLY A 58 -8.39 30.78 -7.63
N ALA A 59 -7.38 30.02 -8.05
CA ALA A 59 -6.94 28.89 -7.24
C ALA A 59 -6.42 29.34 -5.88
N LEU A 60 -5.83 30.54 -5.81
CA LEU A 60 -5.26 30.99 -4.54
C LEU A 60 -6.35 31.34 -3.54
N ALA A 61 -7.50 31.84 -4.02
CA ALA A 61 -8.62 32.07 -3.13
C ALA A 61 -9.18 30.75 -2.61
N ASN A 62 -9.20 29.72 -3.46
CA ASN A 62 -9.60 28.39 -2.99
C ASN A 62 -8.69 27.92 -1.87
N ILE A 63 -7.37 28.07 -2.04
CA ILE A 63 -6.45 27.57 -1.02
C ILE A 63 -6.64 28.32 0.29
N ALA A 64 -6.91 29.63 0.22
CA ALA A 64 -7.18 30.41 1.43
C ALA A 64 -8.42 29.89 2.17
N VAL A 65 -9.47 29.54 1.43
CA VAL A 65 -10.62 28.90 2.05
C VAL A 65 -10.21 27.55 2.64
N ASP A 66 -9.39 26.79 1.92
CA ASP A 66 -8.90 25.52 2.44
C ASP A 66 -8.11 25.73 3.74
N LYS A 67 -7.25 26.75 3.77
CA LYS A 67 -6.53 27.06 5.00
C LYS A 67 -7.49 27.43 6.13
N ALA A 68 -8.50 28.26 5.84
CA ALA A 68 -9.45 28.63 6.89
C ALA A 68 -10.23 27.42 7.38
N ASN A 69 -10.63 26.55 6.46
CA ASN A 69 -11.35 25.35 6.86
C ASN A 69 -10.47 24.41 7.68
N LEU A 70 -9.19 24.31 7.32
CA LEU A 70 -8.27 23.47 8.06
C LEU A 70 -8.15 23.91 9.52
N GLU A 71 -8.03 25.22 9.74
CA GLU A 71 -7.92 25.71 11.11
C GLU A 71 -9.17 25.40 11.91
N ILE A 72 -10.35 25.51 11.29
CA ILE A 72 -11.60 25.12 11.97
C ILE A 72 -11.57 23.65 12.34
N MET A 73 -11.30 22.78 11.37
CA MET A 73 -11.29 21.34 11.66
C MET A 73 -10.21 20.97 12.66
N THR A 74 -9.05 21.64 12.61
CA THR A 74 -8.04 21.38 13.63
C THR A 74 -8.58 21.63 15.02
N LYS A 75 -9.26 22.76 15.22
CA LYS A 75 -9.86 23.03 16.52
C LYS A 75 -11.01 22.07 16.78
N ARG A 76 -11.86 21.84 15.78
CA ARG A 76 -13.00 20.95 15.93
C ARG A 76 -12.57 19.56 16.34
N SER A 77 -11.43 19.10 15.84
CA SER A 77 -10.92 17.77 16.16
C SER A 77 -10.16 17.73 17.47
N ASN A 78 -10.12 18.83 18.21
CA ASN A 78 -9.27 18.94 19.42
C ASN A 78 -7.80 18.70 19.06
N TYR A 79 -7.38 19.26 17.92
CA TYR A 79 -5.98 19.24 17.50
C TYR A 79 -5.47 17.81 17.34
N THR A 80 -6.25 16.98 16.66
CA THR A 80 -5.82 15.63 16.32
C THR A 80 -4.90 15.70 15.10
N PRO A 81 -3.63 15.36 15.25
CA PRO A 81 -2.69 15.45 14.12
C PRO A 81 -2.80 14.24 13.20
N ILE A 82 -2.20 14.37 12.02
CA ILE A 82 -2.19 13.30 11.04
C ILE A 82 -1.23 12.20 11.47
N THR A 83 -1.55 10.97 11.09
CA THR A 83 -0.62 9.87 11.25
C THR A 83 0.23 9.75 9.99
N ASN A 84 1.56 9.77 10.17
CA ASN A 84 2.48 9.60 9.06
C ASN A 84 2.33 8.21 8.46
N VAL A 85 2.23 8.16 7.13
CA VAL A 85 2.17 6.90 6.40
C VAL A 85 3.37 6.89 5.47
N PRO A 86 4.39 6.08 5.75
CA PRO A 86 5.61 6.15 4.95
C PRO A 86 5.33 5.68 3.52
N PRO A 87 6.10 6.17 2.55
CA PRO A 87 5.88 5.78 1.15
C PRO A 87 6.52 4.45 0.78
N GLU A 88 5.89 3.80 -0.21
CA GLU A 88 6.54 2.78 -1.01
C GLU A 88 7.31 3.46 -2.12
N VAL A 89 8.50 2.96 -2.43
CA VAL A 89 9.35 3.58 -3.43
C VAL A 89 9.78 2.53 -4.44
N THR A 90 9.66 2.87 -5.73
CA THR A 90 10.02 1.99 -6.82
C THR A 90 10.84 2.80 -7.83
N VAL A 91 11.88 2.18 -8.39
CA VAL A 91 12.68 2.80 -9.44
C VAL A 91 12.58 1.94 -10.68
N LEU A 92 12.20 2.55 -11.80
CA LEU A 92 12.10 1.87 -13.07
C LEU A 92 12.70 2.75 -14.13
N THR A 93 13.06 2.14 -15.25
CA THR A 93 13.35 2.90 -16.46
C THR A 93 12.05 3.04 -17.25
N ASN A 94 11.97 4.09 -18.05
CA ASN A 94 10.76 4.22 -18.84
C ASN A 94 10.83 3.42 -20.13
N SER A 95 12.00 2.87 -20.46
CA SER A 95 12.23 2.18 -21.72
C SER A 95 13.25 1.07 -21.48
N PRO A 96 13.24 0.01 -22.30
CA PRO A 96 14.25 -1.04 -22.13
C PRO A 96 15.66 -0.50 -22.27
N VAL A 97 16.54 -0.94 -21.36
CA VAL A 97 17.88 -0.36 -21.27
C VAL A 97 18.73 -0.84 -22.44
N GLU A 98 19.35 0.11 -23.14
CA GLU A 98 20.43 -0.19 -24.07
C GLU A 98 21.67 0.57 -23.61
N LEU A 99 22.79 -0.14 -23.52
CA LEU A 99 24.00 0.52 -23.02
C LEU A 99 24.39 1.67 -23.95
N ARG A 100 24.70 2.82 -23.34
CA ARG A 100 25.17 4.02 -24.05
C ARG A 100 24.10 4.62 -24.96
N GLU A 101 22.82 4.35 -24.67
CA GLU A 101 21.71 4.98 -25.38
C GLU A 101 20.80 5.65 -24.37
N PRO A 102 20.47 6.93 -24.56
CA PRO A 102 19.75 7.67 -23.51
C PRO A 102 18.45 7.02 -23.08
N ASN A 103 18.13 7.19 -21.80
CA ASN A 103 16.98 6.59 -21.15
C ASN A 103 16.59 7.49 -19.99
N VAL A 104 15.64 7.04 -19.17
CA VAL A 104 15.12 7.85 -18.07
C VAL A 104 14.82 6.93 -16.89
N LEU A 105 15.37 7.29 -15.73
CA LEU A 105 14.99 6.63 -14.49
C LEU A 105 13.79 7.35 -13.90
N ILE A 106 12.81 6.56 -13.45
CA ILE A 106 11.62 7.08 -12.80
C ILE A 106 11.64 6.62 -11.36
N CYS A 107 11.51 7.56 -10.43
CA CYS A 107 11.32 7.25 -9.02
C CYS A 107 9.84 7.43 -8.71
N PHE A 108 9.16 6.32 -8.43
CA PHE A 108 7.73 6.32 -8.12
C PHE A 108 7.56 6.25 -6.60
N ILE A 109 7.06 7.34 -6.01
CA ILE A 109 6.85 7.42 -4.56
C ILE A 109 5.35 7.35 -4.31
N ASP A 110 4.90 6.36 -3.54
CA ASP A 110 3.48 6.03 -3.54
C ASP A 110 2.97 5.77 -2.12
N LYS A 111 1.68 6.06 -1.94
CA LYS A 111 0.89 5.63 -0.76
C LYS A 111 1.41 6.25 0.53
N PHE A 112 1.60 7.57 0.53
CA PHE A 112 2.14 8.24 1.71
C PHE A 112 1.33 9.48 2.07
N THR A 113 1.50 9.91 3.31
CA THR A 113 1.01 11.20 3.78
C THR A 113 1.75 11.53 5.06
N PRO A 114 1.96 12.81 5.38
CA PRO A 114 1.53 14.03 4.67
C PRO A 114 2.31 14.28 3.39
N PRO A 115 1.80 15.16 2.50
CA PRO A 115 2.49 15.40 1.23
C PRO A 115 3.73 16.26 1.39
N VAL A 116 4.78 15.70 1.97
CA VAL A 116 6.06 16.38 2.17
C VAL A 116 7.13 15.31 2.07
N VAL A 117 8.03 15.43 1.08
CA VAL A 117 9.15 14.51 0.91
C VAL A 117 10.37 15.30 0.47
N ASN A 118 11.55 14.73 0.74
CA ASN A 118 12.81 15.18 0.17
C ASN A 118 13.34 14.04 -0.69
N VAL A 119 13.56 14.31 -1.97
CA VAL A 119 13.98 13.29 -2.92
C VAL A 119 15.30 13.71 -3.55
N THR A 120 16.28 12.82 -3.53
CA THR A 120 17.57 13.07 -4.17
C THR A 120 17.94 11.90 -5.07
N TRP A 121 18.45 12.21 -6.25
CA TRP A 121 19.07 11.20 -7.11
C TRP A 121 20.55 11.10 -6.78
N LEU A 122 21.05 9.88 -6.67
CA LEU A 122 22.47 9.62 -6.41
C LEU A 122 23.04 8.78 -7.54
N ARG A 123 24.14 9.25 -8.15
CA ARG A 123 24.91 8.47 -9.11
C ARG A 123 26.23 8.12 -8.44
N ASN A 124 26.45 6.83 -8.22
CA ASN A 124 27.63 6.36 -7.50
C ASN A 124 27.80 7.11 -6.18
N GLY A 125 26.68 7.42 -5.52
CA GLY A 125 26.69 8.01 -4.20
C GLY A 125 26.77 9.53 -4.16
N LYS A 126 26.80 10.18 -5.31
CA LYS A 126 26.84 11.62 -5.41
C LYS A 126 25.51 12.16 -5.92
N PRO A 127 24.99 13.22 -5.31
CA PRO A 127 23.73 13.81 -5.77
C PRO A 127 23.85 14.27 -7.23
N VAL A 128 22.76 14.10 -7.97
CA VAL A 128 22.64 14.47 -9.37
C VAL A 128 21.44 15.38 -9.53
N THR A 129 21.63 16.54 -10.16
CA THR A 129 20.51 17.41 -10.47
C THR A 129 20.38 17.77 -11.95
N THR A 130 21.34 17.38 -12.79
CA THR A 130 21.32 17.79 -14.19
C THR A 130 20.13 17.14 -14.89
N GLY A 131 19.19 17.97 -15.34
CA GLY A 131 18.06 17.50 -16.11
C GLY A 131 16.95 16.82 -15.32
N VAL A 132 17.09 16.69 -13.99
CA VAL A 132 16.04 16.08 -13.18
C VAL A 132 14.76 16.91 -13.26
N SER A 133 13.61 16.23 -13.13
CA SER A 133 12.32 16.89 -13.01
C SER A 133 11.46 16.08 -12.05
N GLU A 134 10.28 16.62 -11.76
CA GLU A 134 9.41 16.01 -10.76
C GLU A 134 7.99 16.53 -10.94
N THR A 135 7.04 15.74 -10.45
CA THR A 135 5.65 16.16 -10.39
C THR A 135 5.35 16.75 -9.01
N VAL A 136 4.17 17.35 -8.90
CA VAL A 136 3.65 17.73 -7.59
C VAL A 136 3.01 16.49 -6.98
N PHE A 137 2.36 16.65 -5.84
CA PHE A 137 1.79 15.52 -5.13
C PHE A 137 0.47 15.10 -5.77
N LEU A 138 0.38 13.84 -6.19
CA LEU A 138 -0.85 13.50 -6.89
C LEU A 138 -1.82 12.77 -5.95
N PRO A 139 -3.12 13.06 -6.05
CA PRO A 139 -4.09 12.44 -5.15
C PRO A 139 -4.30 10.97 -5.46
N ARG A 140 -4.52 10.19 -4.40
CA ARG A 140 -4.92 8.79 -4.51
C ARG A 140 -6.37 8.68 -4.07
N GLU A 141 -7.06 7.64 -4.56
CA GLU A 141 -8.44 7.40 -4.16
C GLU A 141 -8.56 7.06 -2.69
N ASP A 142 -7.51 6.52 -2.07
CA ASP A 142 -7.54 6.36 -0.62
C ASP A 142 -7.09 7.62 0.10
N HIS A 143 -6.85 8.71 -0.62
CA HIS A 143 -6.54 10.03 -0.09
C HIS A 143 -5.16 10.11 0.56
N LEU A 144 -4.29 9.16 0.22
CA LEU A 144 -2.86 9.32 0.35
C LEU A 144 -2.34 10.04 -0.90
N PHE A 145 -1.02 10.04 -1.12
CA PHE A 145 -0.44 10.75 -2.25
C PHE A 145 0.53 9.87 -3.04
N ARG A 146 0.72 10.22 -4.31
CA ARG A 146 1.78 9.72 -5.19
C ARG A 146 2.66 10.88 -5.62
N LYS A 147 3.87 10.55 -6.07
CA LYS A 147 4.76 11.55 -6.64
C LYS A 147 5.77 10.85 -7.55
N PHE A 148 6.22 11.56 -8.59
CA PHE A 148 7.18 11.02 -9.54
C PHE A 148 8.39 11.93 -9.64
N HIS A 149 9.58 11.34 -9.60
CA HIS A 149 10.81 12.04 -9.92
C HIS A 149 11.49 11.38 -11.11
N TYR A 150 12.20 12.17 -11.90
CA TYR A 150 12.72 11.70 -13.18
C TYR A 150 14.19 12.06 -13.33
N LEU A 151 14.96 11.12 -13.88
CA LEU A 151 16.36 11.40 -14.16
C LEU A 151 16.76 10.88 -15.54
N PRO A 152 16.94 11.77 -16.52
CA PRO A 152 17.54 11.33 -17.79
C PRO A 152 18.98 10.91 -17.55
N PHE A 153 19.38 9.82 -18.20
CA PHE A 153 20.71 9.28 -17.96
C PHE A 153 21.14 8.47 -19.17
N LEU A 154 22.43 8.16 -19.19
CA LEU A 154 23.05 7.36 -20.24
C LEU A 154 23.46 6.01 -19.65
N PRO A 155 22.70 4.94 -19.89
CA PRO A 155 22.98 3.65 -19.23
C PRO A 155 24.40 3.17 -19.51
N SER A 156 24.99 2.52 -18.52
CA SER A 156 26.38 2.08 -18.61
C SER A 156 26.63 1.01 -17.58
N THR A 157 27.66 0.19 -17.83
CA THR A 157 28.04 -0.78 -16.80
C THR A 157 28.74 -0.14 -15.61
N GLU A 158 29.11 1.13 -15.69
CA GLU A 158 30.01 1.74 -14.72
C GLU A 158 29.32 2.55 -13.64
N ASP A 159 28.04 2.88 -13.80
CA ASP A 159 27.35 3.72 -12.83
C ASP A 159 26.26 2.95 -12.12
N VAL A 160 26.03 3.27 -10.84
CA VAL A 160 24.85 2.80 -10.13
C VAL A 160 24.06 4.02 -9.65
N TYR A 161 22.76 3.81 -9.43
CA TYR A 161 21.85 4.89 -9.09
C TYR A 161 20.99 4.51 -7.89
N ASP A 162 20.69 5.52 -7.08
CA ASP A 162 19.70 5.39 -6.01
C ASP A 162 18.76 6.58 -6.06
N CYS A 163 17.49 6.30 -5.79
CA CYS A 163 16.54 7.33 -5.41
C CYS A 163 16.48 7.35 -3.88
N ARG A 164 16.81 8.49 -3.28
CA ARG A 164 16.80 8.60 -1.82
C ARG A 164 15.63 9.48 -1.40
N VAL A 165 14.74 8.92 -0.56
CA VAL A 165 13.50 9.59 -0.18
C VAL A 165 13.51 9.79 1.33
N GLU A 166 13.32 11.03 1.77
CA GLU A 166 13.12 11.34 3.18
C GLU A 166 11.64 11.66 3.40
N HIS A 167 11.07 11.04 4.43
CA HIS A 167 9.68 11.27 4.79
C HIS A 167 9.54 11.05 6.28
N TRP A 168 8.67 11.84 6.93
CA TRP A 168 8.60 11.81 8.38
C TRP A 168 8.10 10.46 8.92
N GLY A 169 7.44 9.66 8.09
CA GLY A 169 7.05 8.33 8.51
C GLY A 169 8.16 7.28 8.45
N LEU A 170 9.31 7.64 7.90
CA LEU A 170 10.45 6.74 7.82
C LEU A 170 11.39 6.99 9.00
N ASP A 171 11.98 5.91 9.51
CA ASP A 171 13.00 6.07 10.54
C ASP A 171 14.30 6.62 9.94
N GLU A 172 14.62 6.22 8.72
CA GLU A 172 15.85 6.62 8.07
C GLU A 172 15.52 6.91 6.61
N PRO A 173 16.40 7.64 5.92
CA PRO A 173 16.20 7.82 4.48
C PRO A 173 16.13 6.47 3.79
N LEU A 174 15.20 6.34 2.85
CA LEU A 174 15.02 5.13 2.06
C LEU A 174 15.75 5.33 0.73
N LEU A 175 16.66 4.41 0.42
CA LEU A 175 17.33 4.39 -0.88
C LEU A 175 16.74 3.27 -1.71
N LYS A 176 16.41 3.56 -2.96
CA LYS A 176 15.92 2.56 -3.90
C LYS A 176 16.89 2.49 -5.06
N HIS A 177 17.45 1.31 -5.31
CA HIS A 177 18.66 1.16 -6.10
C HIS A 177 18.32 0.77 -7.54
N TRP A 178 19.18 1.20 -8.47
CA TRP A 178 19.10 0.73 -9.84
C TRP A 178 20.51 0.64 -10.41
N GLU A 179 20.79 -0.46 -11.10
CA GLU A 179 22.01 -0.60 -11.88
C GLU A 179 21.73 -1.57 -13.02
N PHE A 180 22.51 -1.45 -14.09
CA PHE A 180 22.38 -2.36 -15.22
C PHE A 180 22.73 -3.77 -14.80
N ASP A 181 21.84 -4.71 -15.08
CA ASP A 181 21.96 -6.10 -14.58
C ASP A 181 22.12 -6.17 -13.07
N ASP B 1 12.17 17.96 11.91
CA ASP B 1 10.92 18.60 12.33
C ASP B 1 9.92 17.57 12.86
N THR B 2 9.66 17.64 14.17
CA THR B 2 8.72 16.74 14.82
C THR B 2 7.36 17.39 15.12
N ARG B 3 7.14 18.62 14.66
CA ARG B 3 5.88 19.30 14.94
C ARG B 3 4.72 18.51 14.34
N PRO B 4 3.60 18.38 15.06
CA PRO B 4 2.42 17.73 14.48
C PRO B 4 1.95 18.44 13.22
N ARG B 5 1.37 17.68 12.29
CA ARG B 5 0.89 18.24 11.04
C ARG B 5 -0.63 18.06 10.93
N PHE B 6 -1.27 18.99 10.25
CA PHE B 6 -2.71 18.93 10.01
C PHE B 6 -2.98 19.21 8.53
N LEU B 7 -3.80 18.37 7.92
CA LEU B 7 -4.01 18.41 6.48
C LEU B 7 -5.49 18.51 6.15
N GLU B 8 -5.82 19.45 5.26
CA GLU B 8 -7.15 19.61 4.72
C GLU B 8 -7.10 19.30 3.24
N GLN B 9 -8.05 18.50 2.76
CA GLN B 9 -8.15 18.18 1.34
C GLN B 9 -9.57 18.48 0.89
N VAL B 10 -9.71 18.94 -0.36
CA VAL B 10 -10.99 19.04 -1.01
C VAL B 10 -10.85 18.40 -2.38
N LYS B 11 -11.81 17.55 -2.75
CA LYS B 11 -11.81 16.97 -4.08
C LYS B 11 -13.16 17.23 -4.72
N HIS B 12 -13.14 17.95 -5.84
CA HIS B 12 -14.35 18.17 -6.64
C HIS B 12 -14.29 17.18 -7.81
N GLU B 13 -15.18 16.19 -7.79
CA GLU B 13 -15.06 15.03 -8.66
C GLU B 13 -16.17 15.00 -9.70
N CYS B 14 -15.79 14.67 -10.94
CA CYS B 14 -16.74 14.49 -12.03
C CYS B 14 -16.56 13.09 -12.61
N HIS B 15 -17.60 12.27 -12.50
CA HIS B 15 -17.57 10.89 -12.99
C HIS B 15 -18.46 10.78 -14.22
N PHE B 16 -17.88 10.28 -15.31
CA PHE B 16 -18.55 10.28 -16.60
C PHE B 16 -18.83 8.85 -17.04
N PHE B 17 -20.07 8.59 -17.44
CA PHE B 17 -20.52 7.30 -17.95
C PHE B 17 -21.10 7.52 -19.34
N ASN B 18 -20.76 6.63 -20.28
CA ASN B 18 -21.31 6.64 -21.63
C ASN B 18 -21.16 8.02 -22.29
N GLY B 19 -19.91 8.39 -22.52
CA GLY B 19 -19.58 9.75 -22.93
C GLY B 19 -19.88 10.75 -21.84
N THR B 20 -20.85 11.64 -22.07
CA THR B 20 -21.35 12.51 -21.00
C THR B 20 -22.86 12.35 -20.84
N GLU B 21 -23.39 11.18 -21.24
CA GLU B 21 -24.82 10.93 -21.07
C GLU B 21 -25.21 10.93 -19.60
N ARG B 22 -24.39 10.35 -18.74
CA ARG B 22 -24.67 10.31 -17.32
C ARG B 22 -23.44 10.81 -16.58
N VAL B 23 -23.63 11.79 -15.70
CA VAL B 23 -22.53 12.42 -14.98
C VAL B 23 -22.89 12.46 -13.50
N ARG B 24 -21.89 12.22 -12.65
CA ARG B 24 -22.07 12.30 -11.20
C ARG B 24 -21.02 13.25 -10.63
N PHE B 25 -21.47 14.28 -9.95
CA PHE B 25 -20.58 15.26 -9.34
C PHE B 25 -20.49 15.02 -7.84
N LEU B 26 -19.26 15.08 -7.31
CA LEU B 26 -19.00 14.91 -5.89
C LEU B 26 -18.16 16.08 -5.38
N ASP B 27 -18.64 16.74 -4.33
CA ASP B 27 -17.91 17.79 -3.64
C ASP B 27 -17.52 17.20 -2.29
N ARG B 28 -16.22 16.91 -2.09
CA ARG B 28 -15.77 16.11 -0.95
C ARG B 28 -14.74 16.85 -0.12
N TYR B 29 -14.90 16.78 1.21
CA TYR B 29 -14.04 17.52 2.14
C TYR B 29 -13.42 16.54 3.12
N PHE B 30 -12.11 16.67 3.33
CA PHE B 30 -11.34 15.70 4.10
C PHE B 30 -10.46 16.39 5.13
N TYR B 31 -10.32 15.75 6.28
CA TYR B 31 -9.36 16.15 7.31
C TYR B 31 -8.38 14.99 7.44
N HIS B 32 -7.10 15.27 7.19
CA HIS B 32 -6.10 14.24 6.93
C HIS B 32 -6.55 13.36 5.77
N GLN B 33 -7.07 12.16 6.05
CA GLN B 33 -7.62 11.30 5.02
C GLN B 33 -9.09 10.99 5.26
N GLU B 34 -9.71 11.61 6.25
CA GLU B 34 -11.06 11.27 6.68
C GLU B 34 -12.04 12.26 6.05
N GLU B 35 -12.89 11.76 5.17
CA GLU B 35 -13.95 12.58 4.61
C GLU B 35 -14.98 12.88 5.69
N TYR B 36 -15.33 14.16 5.87
CA TYR B 36 -16.30 14.50 6.89
C TYR B 36 -17.60 15.08 6.36
N VAL B 37 -17.66 15.53 5.11
CA VAL B 37 -18.90 16.05 4.55
C VAL B 37 -18.76 16.05 3.02
N ARG B 38 -19.88 15.83 2.34
CA ARG B 38 -19.85 15.75 0.88
C ARG B 38 -21.20 16.17 0.29
N PHE B 39 -21.15 16.68 -0.93
CA PHE B 39 -22.31 16.84 -1.78
C PHE B 39 -22.21 15.79 -2.88
N ASP B 40 -23.27 14.99 -3.04
CA ASP B 40 -23.38 14.00 -4.10
C ASP B 40 -24.55 14.41 -4.97
N SER B 41 -24.29 14.62 -6.27
CA SER B 41 -25.36 15.08 -7.14
C SER B 41 -26.49 14.07 -7.22
N ASP B 42 -26.22 12.80 -6.92
CA ASP B 42 -27.26 11.78 -6.89
C ASP B 42 -28.15 11.89 -5.67
N VAL B 43 -27.68 12.58 -4.63
CA VAL B 43 -28.44 12.83 -3.42
C VAL B 43 -29.09 14.21 -3.45
N GLY B 44 -28.34 15.23 -3.85
CA GLY B 44 -28.89 16.54 -4.11
C GLY B 44 -28.72 17.56 -3.00
N GLU B 45 -27.98 17.22 -1.94
CA GLU B 45 -27.70 18.11 -0.83
C GLU B 45 -26.44 17.61 -0.14
N TYR B 46 -25.86 18.47 0.69
CA TYR B 46 -24.71 18.07 1.48
C TYR B 46 -25.12 17.10 2.58
N ARG B 47 -24.28 16.09 2.83
CA ARG B 47 -24.51 15.13 3.88
C ARG B 47 -23.24 14.99 4.71
N ALA B 48 -23.41 14.95 6.03
CA ALA B 48 -22.29 14.66 6.92
C ALA B 48 -21.83 13.23 6.75
N VAL B 49 -20.54 13.05 6.46
CA VAL B 49 -19.94 11.72 6.43
C VAL B 49 -19.53 11.28 7.83
N THR B 50 -18.97 12.18 8.62
CA THR B 50 -18.75 11.97 10.04
C THR B 50 -19.50 13.03 10.83
N GLU B 51 -19.48 12.88 12.15
CA GLU B 51 -20.19 13.85 12.98
C GLU B 51 -19.56 15.24 12.93
N LEU B 52 -18.27 15.31 12.60
CA LEU B 52 -17.62 16.61 12.48
C LEU B 52 -18.15 17.42 11.30
N GLY B 53 -18.74 16.77 10.30
CA GLY B 53 -19.34 17.46 9.18
C GLY B 53 -20.77 17.93 9.36
N ARG B 54 -21.43 17.55 10.45
CA ARG B 54 -22.82 17.95 10.65
C ARG B 54 -23.06 19.46 10.63
N PRO B 55 -22.23 20.30 11.26
CA PRO B 55 -22.53 21.74 11.21
C PRO B 55 -22.44 22.32 9.81
N ASP B 56 -21.54 21.80 8.97
CA ASP B 56 -21.36 22.33 7.63
C ASP B 56 -22.48 21.88 6.69
N ALA B 57 -22.89 20.61 6.77
CA ALA B 57 -23.99 20.13 5.95
C ALA B 57 -25.27 20.91 6.24
N GLU B 58 -25.55 21.16 7.51
CA GLU B 58 -26.77 21.88 7.86
C GLU B 58 -26.69 23.32 7.39
N TYR B 59 -25.54 23.98 7.58
CA TYR B 59 -25.41 25.37 7.18
C TYR B 59 -25.48 25.53 5.67
N TRP B 60 -24.67 24.77 4.94
CA TRP B 60 -24.64 24.90 3.49
C TRP B 60 -25.98 24.57 2.85
N ASN B 61 -26.69 23.57 3.38
CA ASN B 61 -27.98 23.20 2.81
C ASN B 61 -29.02 24.30 2.99
N SER B 62 -28.88 25.15 4.02
CA SER B 62 -29.80 26.26 4.23
C SER B 62 -29.64 27.38 3.21
N GLN B 63 -28.57 27.37 2.42
CA GLN B 63 -28.33 28.44 1.44
C GLN B 63 -28.85 27.98 0.08
N LYS B 64 -30.03 28.49 -0.30
CA LYS B 64 -30.78 27.92 -1.41
C LYS B 64 -30.04 28.09 -2.74
N ASP B 65 -29.48 29.27 -2.98
CA ASP B 65 -28.79 29.49 -4.25
C ASP B 65 -27.52 28.67 -4.32
N LEU B 66 -26.86 28.48 -3.19
CA LEU B 66 -25.67 27.64 -3.15
C LEU B 66 -25.98 26.21 -3.55
N LEU B 67 -27.09 25.67 -3.04
CA LEU B 67 -27.50 24.31 -3.37
C LEU B 67 -27.86 24.18 -4.85
N GLU B 68 -28.59 25.16 -5.39
CA GLU B 68 -28.94 25.11 -6.81
C GLU B 68 -27.71 25.15 -7.69
N GLN B 69 -26.71 25.96 -7.31
CA GLN B 69 -25.45 26.01 -8.04
C GLN B 69 -24.73 24.67 -8.03
N LYS B 70 -24.66 24.00 -6.86
CA LYS B 70 -23.98 22.71 -6.81
C LYS B 70 -24.77 21.64 -7.56
N ARG B 71 -26.10 21.74 -7.55
CA ARG B 71 -26.94 20.81 -8.30
C ARG B 71 -26.77 20.97 -9.81
N ALA B 72 -26.35 22.15 -10.27
CA ALA B 72 -26.08 22.35 -11.69
C ALA B 72 -24.64 22.07 -12.07
N ALA B 73 -23.79 21.69 -11.11
CA ALA B 73 -22.38 21.46 -11.42
C ALA B 73 -22.19 20.39 -12.48
N VAL B 74 -23.06 19.38 -12.54
CA VAL B 74 -22.90 18.35 -13.56
C VAL B 74 -22.86 18.98 -14.95
N ASP B 75 -23.54 20.13 -15.12
CA ASP B 75 -23.55 20.83 -16.41
C ASP B 75 -22.51 21.94 -16.46
N THR B 76 -22.57 22.88 -15.53
CA THR B 76 -21.71 24.06 -15.63
C THR B 76 -20.23 23.72 -15.37
N TYR B 77 -19.96 22.65 -14.64
CA TYR B 77 -18.59 22.31 -14.28
C TYR B 77 -18.13 21.01 -14.95
N CYS B 78 -18.80 19.89 -14.68
CA CYS B 78 -18.35 18.60 -15.20
C CYS B 78 -18.44 18.53 -16.72
N ARG B 79 -19.63 18.73 -17.27
CA ARG B 79 -19.77 18.60 -18.72
C ARG B 79 -18.94 19.64 -19.45
N HIS B 80 -18.90 20.86 -18.90
CA HIS B 80 -18.10 21.90 -19.54
C HIS B 80 -16.63 21.50 -19.61
N ASN B 81 -16.07 21.03 -18.49
CA ASN B 81 -14.64 20.73 -18.45
C ASN B 81 -14.30 19.51 -19.29
N TYR B 82 -15.18 18.52 -19.31
CA TYR B 82 -15.01 17.40 -20.25
C TYR B 82 -14.94 17.92 -21.68
N GLY B 83 -15.83 18.83 -22.03
CA GLY B 83 -15.83 19.36 -23.39
C GLY B 83 -14.56 20.09 -23.71
N VAL B 84 -14.06 20.88 -22.75
CA VAL B 84 -12.85 21.66 -22.98
C VAL B 84 -11.64 20.75 -23.10
N GLY B 85 -11.58 19.70 -22.28
CA GLY B 85 -10.41 18.84 -22.21
C GLY B 85 -10.45 17.62 -23.10
N GLU B 86 -11.61 17.33 -23.70
CA GLU B 86 -11.83 16.09 -24.45
C GLU B 86 -10.73 15.82 -25.47
N SER B 87 -10.34 16.84 -26.25
CA SER B 87 -9.41 16.64 -27.38
C SER B 87 -8.04 16.12 -26.95
N PHE B 88 -7.54 16.51 -25.77
CA PHE B 88 -6.21 16.09 -25.38
C PHE B 88 -6.18 15.11 -24.21
N THR B 89 -7.35 14.68 -23.70
CA THR B 89 -7.39 13.70 -22.62
C THR B 89 -8.20 12.47 -23.03
N VAL B 90 -9.53 12.59 -23.12
CA VAL B 90 -10.41 11.51 -23.56
C VAL B 90 -9.94 10.94 -24.90
N GLN B 91 -9.54 11.81 -25.83
CA GLN B 91 -9.19 11.38 -27.19
C GLN B 91 -7.69 11.17 -27.39
N ARG B 92 -6.88 11.31 -26.35
CA ARG B 92 -5.45 11.12 -26.45
C ARG B 92 -5.12 9.67 -26.78
N ARG B 93 -4.38 9.47 -27.87
CA ARG B 93 -3.93 8.14 -28.26
C ARG B 93 -2.44 8.19 -28.58
N VAL B 94 -1.66 7.32 -27.93
CA VAL B 94 -0.23 7.20 -28.18
C VAL B 94 0.12 5.72 -28.33
N TYR B 95 0.87 5.40 -29.39
CA TYR B 95 1.18 4.02 -29.74
C TYR B 95 2.05 3.35 -28.67
N PRO B 96 1.79 2.10 -28.34
CA PRO B 96 2.77 1.33 -27.57
C PRO B 96 3.96 0.95 -28.43
N GLU B 97 5.13 0.91 -27.78
CA GLU B 97 6.32 0.31 -28.36
C GLU B 97 6.53 -1.04 -27.71
N VAL B 98 6.78 -2.07 -28.52
CA VAL B 98 6.84 -3.43 -28.01
C VAL B 98 8.23 -3.99 -28.27
N THR B 99 8.89 -4.42 -27.21
CA THR B 99 10.19 -5.08 -27.27
C THR B 99 10.07 -6.47 -26.67
N VAL B 100 10.66 -7.46 -27.33
CA VAL B 100 10.68 -8.83 -26.84
C VAL B 100 12.13 -9.29 -26.71
N TYR B 101 12.45 -9.94 -25.60
CA TYR B 101 13.79 -10.48 -25.40
C TYR B 101 13.72 -11.57 -24.35
N PRO B 102 14.56 -12.61 -24.45
CA PRO B 102 14.65 -13.55 -23.34
C PRO B 102 15.41 -12.93 -22.18
N ALA B 103 14.97 -13.26 -20.96
CA ALA B 103 15.57 -12.68 -19.76
C ALA B 103 16.99 -13.16 -19.53
N LYS B 104 17.37 -14.32 -20.03
CA LYS B 104 18.73 -14.81 -19.89
C LYS B 104 19.14 -15.52 -21.16
N THR B 105 20.45 -15.52 -21.42
CA THR B 105 21.00 -16.23 -22.56
C THR B 105 21.19 -17.69 -22.19
N GLN B 106 20.46 -18.57 -22.84
CA GLN B 106 20.42 -19.99 -22.52
C GLN B 106 20.48 -20.79 -23.82
N PRO B 107 21.04 -22.00 -23.77
CA PRO B 107 20.81 -22.94 -24.86
C PRO B 107 19.35 -23.39 -24.83
N LEU B 108 18.89 -23.87 -25.99
CA LEU B 108 17.53 -24.38 -26.08
C LEU B 108 17.36 -25.60 -25.17
N GLN B 109 16.11 -25.82 -24.77
CA GLN B 109 15.61 -26.90 -23.89
C GLN B 109 15.75 -26.52 -22.41
N HIS B 110 16.27 -25.34 -22.08
CA HIS B 110 16.37 -24.90 -20.70
C HIS B 110 15.28 -23.89 -20.41
N HIS B 111 14.77 -23.91 -19.17
CA HIS B 111 13.72 -22.98 -18.80
C HIS B 111 14.21 -21.54 -18.95
N ASN B 112 13.29 -20.64 -19.25
CA ASN B 112 13.64 -19.26 -19.53
C ASN B 112 12.39 -18.42 -19.37
N LEU B 113 12.61 -17.12 -19.21
CA LEU B 113 11.54 -16.12 -19.18
C LEU B 113 11.65 -15.27 -20.43
N LEU B 114 10.60 -15.29 -21.26
CA LEU B 114 10.52 -14.38 -22.40
C LEU B 114 9.76 -13.13 -21.96
N VAL B 115 10.38 -11.96 -22.16
CA VAL B 115 9.85 -10.70 -21.67
C VAL B 115 9.23 -9.95 -22.83
N CYS B 116 7.99 -9.50 -22.64
CA CYS B 116 7.34 -8.57 -23.56
C CYS B 116 7.21 -7.25 -22.83
N SER B 117 8.00 -6.28 -23.25
CA SER B 117 8.02 -4.96 -22.64
C SER B 117 7.22 -4.02 -23.54
N VAL B 118 6.18 -3.40 -22.99
CA VAL B 118 5.29 -2.56 -23.77
C VAL B 118 5.33 -1.17 -23.15
N ASN B 119 5.69 -0.17 -23.95
CA ASN B 119 6.10 1.11 -23.37
C ASN B 119 5.48 2.29 -24.09
N GLY B 120 5.26 3.35 -23.32
CA GLY B 120 4.95 4.66 -23.85
C GLY B 120 3.51 4.85 -24.32
N PHE B 121 2.60 3.96 -23.97
CA PHE B 121 1.29 4.03 -24.60
C PHE B 121 0.32 4.88 -23.78
N TYR B 122 -0.74 5.34 -24.45
CA TYR B 122 -1.88 6.01 -23.84
C TYR B 122 -3.11 5.79 -24.70
N PRO B 123 -4.27 5.43 -24.12
CA PRO B 123 -4.53 5.29 -22.68
C PRO B 123 -4.07 3.98 -22.06
N GLY B 124 -4.45 3.75 -20.81
CA GLY B 124 -3.93 2.62 -20.05
C GLY B 124 -4.52 1.28 -20.44
N SER B 125 -5.74 1.26 -20.97
CA SER B 125 -6.38 -0.01 -21.23
C SER B 125 -5.67 -0.71 -22.39
N ILE B 126 -5.20 -1.93 -22.14
CA ILE B 126 -4.38 -2.64 -23.11
C ILE B 126 -4.55 -4.14 -22.87
N GLU B 127 -4.32 -4.92 -23.92
CA GLU B 127 -4.33 -6.37 -23.83
C GLU B 127 -3.03 -6.88 -24.44
N VAL B 128 -2.31 -7.68 -23.67
CA VAL B 128 -1.02 -8.24 -24.08
C VAL B 128 -1.14 -9.75 -23.96
N ARG B 129 -0.95 -10.46 -25.07
CA ARG B 129 -1.09 -11.90 -25.08
C ARG B 129 0.16 -12.56 -25.64
N TRP B 130 0.47 -13.74 -25.12
CA TRP B 130 1.59 -14.54 -25.56
C TRP B 130 1.10 -15.73 -26.37
N PHE B 131 1.83 -16.02 -27.45
CA PHE B 131 1.48 -17.11 -28.34
C PHE B 131 2.72 -17.95 -28.59
N ARG B 132 2.54 -19.27 -28.72
CA ARG B 132 3.60 -20.18 -29.11
C ARG B 132 3.10 -20.97 -30.32
N ASN B 133 3.77 -20.81 -31.46
CA ASN B 133 3.34 -21.40 -32.72
C ASN B 133 1.86 -21.10 -33.01
N GLY B 134 1.49 -19.84 -32.78
CA GLY B 134 0.13 -19.40 -33.03
C GLY B 134 -0.89 -19.80 -31.99
N GLN B 135 -0.49 -20.55 -30.97
CA GLN B 135 -1.40 -20.98 -29.91
C GLN B 135 -1.20 -20.10 -28.69
N GLU B 136 -2.30 -19.58 -28.15
CA GLU B 136 -2.22 -18.66 -27.04
C GLU B 136 -1.79 -19.39 -25.77
N GLU B 137 -0.81 -18.81 -25.08
CA GLU B 137 -0.38 -19.31 -23.78
C GLU B 137 -1.30 -18.74 -22.71
N LYS B 138 -2.09 -19.59 -22.08
CA LYS B 138 -2.93 -19.18 -20.96
C LYS B 138 -2.33 -19.60 -19.62
N THR B 139 -1.08 -20.05 -19.61
CA THR B 139 -0.42 -20.51 -18.41
C THR B 139 1.01 -19.97 -18.41
N GLY B 140 1.56 -19.79 -17.21
CA GLY B 140 2.94 -19.33 -17.07
C GLY B 140 3.16 -17.90 -17.47
N VAL B 141 2.13 -17.05 -17.41
CA VAL B 141 2.25 -15.65 -17.78
C VAL B 141 2.36 -14.84 -16.49
N VAL B 142 3.47 -14.09 -16.36
CA VAL B 142 3.75 -13.27 -15.20
C VAL B 142 3.75 -11.82 -15.66
N SER B 143 2.87 -11.02 -15.07
CA SER B 143 2.67 -9.65 -15.52
C SER B 143 2.81 -8.68 -14.37
N THR B 144 3.47 -7.55 -14.65
CA THR B 144 3.53 -6.44 -13.71
C THR B 144 2.20 -5.71 -13.58
N GLY B 145 1.25 -5.95 -14.48
CA GLY B 145 0.11 -5.08 -14.58
C GLY B 145 0.49 -3.73 -15.17
N LEU B 146 -0.44 -2.80 -15.06
CA LEU B 146 -0.30 -1.49 -15.69
C LEU B 146 0.58 -0.60 -14.82
N ILE B 147 1.59 0.03 -15.44
CA ILE B 147 2.46 0.96 -14.72
C ILE B 147 2.26 2.36 -15.30
N GLN B 148 1.80 3.28 -14.45
CA GLN B 148 1.67 4.68 -14.82
C GLN B 148 3.03 5.36 -14.66
N ASN B 149 3.50 6.01 -15.73
CA ASN B 149 4.78 6.69 -15.68
C ASN B 149 4.70 8.11 -15.13
N GLY B 150 3.49 8.65 -14.96
CA GLY B 150 3.31 9.99 -14.43
C GLY B 150 3.36 11.10 -15.46
N ASP B 151 3.62 10.77 -16.72
CA ASP B 151 3.79 11.75 -17.79
C ASP B 151 2.80 11.51 -18.93
N TRP B 152 1.63 10.93 -18.63
CA TRP B 152 0.59 10.59 -19.60
C TRP B 152 1.05 9.49 -20.56
N THR B 153 1.90 8.59 -20.08
CA THR B 153 2.19 7.33 -20.77
C THR B 153 2.19 6.22 -19.73
N PHE B 154 2.05 5.00 -20.22
CA PHE B 154 2.04 3.79 -19.39
C PHE B 154 3.09 2.83 -19.91
N GLN B 155 3.43 1.86 -19.06
CA GLN B 155 4.18 0.72 -19.55
C GLN B 155 3.69 -0.52 -18.83
N THR B 156 3.95 -1.66 -19.42
CA THR B 156 3.67 -2.93 -18.77
C THR B 156 4.68 -3.95 -19.28
N LEU B 157 5.04 -4.88 -18.42
CA LEU B 157 5.97 -5.95 -18.77
C LEU B 157 5.26 -7.27 -18.55
N VAL B 158 5.16 -8.08 -19.59
CA VAL B 158 4.45 -9.35 -19.51
C VAL B 158 5.44 -10.45 -19.87
N MET B 159 5.73 -11.31 -18.91
CA MET B 159 6.72 -12.36 -19.08
C MET B 159 6.03 -13.71 -19.23
N LEU B 160 6.67 -14.61 -19.99
CA LEU B 160 6.16 -15.95 -20.23
C LEU B 160 7.19 -16.98 -19.79
N GLU B 161 6.82 -17.86 -18.86
CA GLU B 161 7.65 -18.99 -18.51
C GLU B 161 7.50 -20.07 -19.56
N THR B 162 8.63 -20.52 -20.10
CA THR B 162 8.57 -21.55 -21.12
C THR B 162 9.90 -22.27 -21.17
N VAL B 163 9.93 -23.32 -21.97
CA VAL B 163 11.15 -24.02 -22.33
C VAL B 163 11.32 -23.90 -23.84
N PRO B 164 12.12 -22.93 -24.29
CA PRO B 164 12.28 -22.73 -25.74
C PRO B 164 12.94 -23.93 -26.40
N ARG B 165 12.34 -24.38 -27.51
CA ARG B 165 12.88 -25.50 -28.27
C ARG B 165 12.95 -25.15 -29.75
N SER B 166 13.75 -25.95 -30.46
CA SER B 166 14.04 -25.70 -31.87
C SER B 166 12.75 -25.56 -32.66
N GLY B 167 12.70 -24.55 -33.53
CA GLY B 167 11.59 -24.36 -34.43
C GLY B 167 10.47 -23.50 -33.89
N GLU B 168 10.38 -23.31 -32.57
CA GLU B 168 9.28 -22.57 -31.99
C GLU B 168 9.39 -21.08 -32.31
N VAL B 169 8.23 -20.47 -32.59
CA VAL B 169 8.13 -19.02 -32.73
C VAL B 169 7.19 -18.52 -31.65
N TYR B 170 7.70 -17.66 -30.77
CA TYR B 170 6.91 -17.03 -29.72
C TYR B 170 6.50 -15.65 -30.18
N THR B 171 5.23 -15.29 -29.94
CA THR B 171 4.70 -14.01 -30.38
C THR B 171 4.00 -13.29 -29.23
N CYS B 172 4.40 -12.04 -29.00
CA CYS B 172 3.70 -11.12 -28.11
C CYS B 172 2.73 -10.27 -28.95
N GLN B 173 1.45 -10.32 -28.60
CA GLN B 173 0.41 -9.61 -29.35
C GLN B 173 -0.22 -8.55 -28.46
N VAL B 174 -0.29 -7.33 -28.98
CA VAL B 174 -0.78 -6.18 -28.21
C VAL B 174 -1.99 -5.60 -28.92
N GLU B 175 -3.06 -5.38 -28.16
CA GLU B 175 -4.25 -4.68 -28.65
C GLU B 175 -4.44 -3.43 -27.80
N HIS B 176 -4.68 -2.30 -28.46
CA HIS B 176 -4.69 -1.02 -27.81
C HIS B 176 -5.57 -0.05 -28.59
N PRO B 177 -6.29 0.86 -27.93
CA PRO B 177 -7.18 1.77 -28.67
C PRO B 177 -6.46 2.62 -29.68
N SER B 178 -5.15 2.82 -29.55
CA SER B 178 -4.43 3.56 -30.56
C SER B 178 -4.22 2.76 -31.83
N LEU B 179 -4.51 1.46 -31.83
CA LEU B 179 -4.14 0.57 -32.93
C LEU B 179 -5.37 0.14 -33.73
N THR B 180 -5.22 0.11 -35.05
CA THR B 180 -6.30 -0.42 -35.88
C THR B 180 -6.23 -1.92 -36.05
N SER B 181 -5.10 -2.54 -35.76
CA SER B 181 -4.99 -3.99 -35.78
C SER B 181 -3.95 -4.39 -34.74
N PRO B 182 -4.01 -5.62 -34.24
CA PRO B 182 -3.03 -6.04 -33.22
C PRO B 182 -1.60 -5.82 -33.70
N LEU B 183 -0.75 -5.35 -32.80
CA LEU B 183 0.67 -5.27 -33.09
C LEU B 183 1.35 -6.51 -32.52
N THR B 184 2.18 -7.17 -33.33
CA THR B 184 2.84 -8.41 -32.94
C THR B 184 4.35 -8.29 -33.12
N VAL B 185 5.09 -8.88 -32.19
CA VAL B 185 6.55 -8.95 -32.22
C VAL B 185 6.95 -10.38 -31.90
N GLU B 186 7.83 -10.95 -32.71
CA GLU B 186 8.18 -12.36 -32.61
C GLU B 186 9.57 -12.53 -32.01
N TRP B 187 9.77 -13.69 -31.40
CA TRP B 187 11.08 -14.17 -31.01
C TRP B 187 11.11 -15.63 -31.45
N ARG B 188 11.92 -15.93 -32.46
CA ARG B 188 12.10 -17.31 -32.89
C ARG B 188 13.11 -17.98 -31.97
N ALA B 189 12.75 -19.14 -31.46
CA ALA B 189 13.59 -19.81 -30.47
C ALA B 189 14.97 -20.10 -31.04
N ARG B 190 16.00 -19.71 -30.30
CA ARG B 190 17.37 -19.88 -30.74
C ARG B 190 18.28 -19.87 -29.51
N SER B 191 19.45 -20.49 -29.66
CA SER B 191 20.41 -20.55 -28.56
C SER B 191 21.08 -19.20 -28.37
N GLU B 192 21.10 -18.72 -27.13
CA GLU B 192 21.68 -17.43 -26.77
C GLU B 192 21.17 -16.28 -27.65
N ILE C 1 7.19 8.98 24.81
CA ILE C 1 5.90 9.55 24.45
C ILE C 1 5.27 8.71 23.33
N LYS C 2 5.93 7.63 22.96
CA LYS C 2 5.43 6.69 21.97
C LYS C 2 5.15 5.35 22.64
N GLU C 3 4.10 4.67 22.16
CA GLU C 3 3.66 3.42 22.80
C GLU C 3 4.70 2.32 22.60
N GLU C 4 4.66 1.34 23.50
CA GLU C 4 5.60 0.23 23.46
C GLU C 4 5.01 -1.04 22.87
N HIS C 5 3.72 -1.30 23.09
CA HIS C 5 3.13 -2.53 22.61
C HIS C 5 1.64 -2.33 22.36
N VAL C 6 1.09 -3.13 21.45
CA VAL C 6 -0.34 -3.13 21.15
C VAL C 6 -0.81 -4.58 21.11
N ILE C 7 -1.88 -4.87 21.84
CA ILE C 7 -2.59 -6.13 21.71
C ILE C 7 -3.98 -5.81 21.15
N ILE C 8 -4.32 -6.43 20.01
CA ILE C 8 -5.60 -6.22 19.36
C ILE C 8 -6.31 -7.57 19.22
N GLN C 9 -7.54 -7.63 19.74
CA GLN C 9 -8.46 -8.73 19.45
C GLN C 9 -9.29 -8.31 18.25
N ALA C 10 -9.09 -8.96 17.11
CA ALA C 10 -9.75 -8.61 15.85
C ALA C 10 -10.70 -9.73 15.45
N GLU C 11 -11.91 -9.34 15.05
CA GLU C 11 -12.92 -10.26 14.57
C GLU C 11 -13.53 -9.69 13.30
N PHE C 12 -14.00 -10.58 12.43
CA PHE C 12 -14.83 -10.13 11.31
C PHE C 12 -15.82 -11.21 10.92
N TYR C 13 -16.87 -10.77 10.22
CA TYR C 13 -17.85 -11.65 9.60
C TYR C 13 -18.16 -11.13 8.20
N LEU C 14 -18.18 -12.04 7.23
CA LEU C 14 -18.35 -11.70 5.83
C LEU C 14 -19.58 -12.40 5.25
N ASN C 15 -20.46 -11.62 4.62
CA ASN C 15 -21.60 -12.11 3.87
C ASN C 15 -21.37 -11.90 2.38
N PRO C 16 -21.89 -12.78 1.51
CA PRO C 16 -22.72 -13.93 1.83
C PRO C 16 -21.92 -15.20 2.07
N ASP C 17 -20.59 -15.08 2.09
CA ASP C 17 -19.75 -16.26 2.30
C ASP C 17 -19.97 -16.90 3.66
N GLN C 18 -20.56 -16.18 4.61
CA GLN C 18 -20.77 -16.67 5.97
C GLN C 18 -19.45 -17.11 6.59
N SER C 19 -18.44 -16.26 6.47
CA SER C 19 -17.10 -16.54 6.96
C SER C 19 -16.79 -15.66 8.16
N GLY C 20 -16.35 -16.27 9.25
CA GLY C 20 -15.96 -15.52 10.43
C GLY C 20 -14.51 -15.74 10.79
N GLU C 21 -13.95 -14.86 11.62
CA GLU C 21 -12.59 -15.03 12.10
C GLU C 21 -12.43 -14.34 13.43
N PHE C 22 -11.68 -14.97 14.34
CA PHE C 22 -11.42 -14.43 15.66
C PHE C 22 -9.95 -14.67 15.96
N MET C 23 -9.20 -13.59 16.13
CA MET C 23 -7.77 -13.73 16.37
C MET C 23 -7.28 -12.65 17.32
N PHE C 24 -6.09 -12.88 17.88
CA PHE C 24 -5.38 -11.92 18.70
C PHE C 24 -4.07 -11.55 18.02
N ASP C 25 -3.72 -10.27 18.06
CA ASP C 25 -2.53 -9.74 17.43
C ASP C 25 -1.68 -9.03 18.48
N PHE C 26 -0.36 -9.28 18.44
CA PHE C 26 0.59 -8.57 19.30
C PHE C 26 1.67 -7.97 18.39
N ASP C 27 1.71 -6.63 18.33
CA ASP C 27 2.71 -5.90 17.54
C ASP C 27 2.79 -6.40 16.10
N GLY C 28 1.63 -6.71 15.52
CA GLY C 28 1.59 -7.14 14.13
C GLY C 28 1.73 -8.63 13.91
N ASP C 29 2.07 -9.41 14.94
CA ASP C 29 2.09 -10.86 14.84
C ASP C 29 0.87 -11.46 15.53
N GLU C 30 0.40 -12.58 14.97
CA GLU C 30 -0.76 -13.28 15.50
C GLU C 30 -0.37 -14.13 16.70
N ILE C 31 -1.07 -13.93 17.82
CA ILE C 31 -0.89 -14.81 18.97
C ILE C 31 -1.62 -16.13 18.76
N PHE C 32 -2.90 -16.06 18.37
CA PHE C 32 -3.69 -17.24 18.11
C PHE C 32 -4.94 -16.82 17.34
N HIS C 33 -5.60 -17.81 16.75
CA HIS C 33 -6.95 -17.66 16.23
C HIS C 33 -7.75 -18.88 16.67
N VAL C 34 -9.05 -18.83 16.43
CA VAL C 34 -9.95 -19.92 16.79
C VAL C 34 -10.43 -20.57 15.51
N ASP C 35 -10.23 -21.88 15.40
CA ASP C 35 -10.78 -22.65 14.29
C ASP C 35 -12.30 -22.70 14.46
N MET C 36 -13.03 -21.99 13.61
CA MET C 36 -14.48 -21.91 13.78
C MET C 36 -15.13 -23.26 13.58
N ALA C 37 -14.62 -24.07 12.64
CA ALA C 37 -15.19 -25.39 12.40
C ALA C 37 -14.90 -26.33 13.57
N LYS C 38 -13.62 -26.43 13.95
CA LYS C 38 -13.24 -27.35 15.02
C LYS C 38 -13.44 -26.78 16.41
N LYS C 39 -13.81 -25.49 16.51
CA LYS C 39 -14.10 -24.85 17.81
C LYS C 39 -12.95 -25.05 18.80
N GLU C 40 -11.73 -24.77 18.34
CA GLU C 40 -10.55 -24.96 19.17
C GLU C 40 -9.60 -23.79 19.00
N THR C 41 -8.72 -23.61 19.98
CA THR C 41 -7.74 -22.53 19.98
C THR C 41 -6.49 -22.96 19.22
N VAL C 42 -6.16 -22.23 18.15
CA VAL C 42 -5.01 -22.55 17.31
C VAL C 42 -3.93 -21.52 17.60
N TRP C 43 -2.91 -21.91 18.37
CA TRP C 43 -1.80 -21.01 18.69
C TRP C 43 -0.85 -20.88 17.51
N ARG C 44 -0.32 -19.68 17.32
CA ARG C 44 0.52 -19.41 16.16
C ARG C 44 1.85 -20.15 16.26
N LEU C 45 2.49 -20.09 17.42
CA LEU C 45 3.61 -20.96 17.75
C LEU C 45 3.15 -21.94 18.81
N GLU C 46 3.46 -23.23 18.60
CA GLU C 46 2.94 -24.27 19.48
C GLU C 46 3.28 -24.03 20.94
N GLU C 47 4.47 -23.49 21.23
CA GLU C 47 4.87 -23.25 22.61
C GLU C 47 3.95 -22.27 23.33
N PHE C 48 3.30 -21.37 22.60
CA PHE C 48 2.40 -20.40 23.23
C PHE C 48 1.35 -21.10 24.08
N GLY C 49 0.77 -22.19 23.57
CA GLY C 49 -0.31 -22.87 24.24
C GLY C 49 0.05 -23.55 25.54
N ARG C 50 1.33 -23.64 25.88
CA ARG C 50 1.74 -24.17 27.17
C ARG C 50 1.97 -23.08 28.21
N PHE C 51 1.98 -21.81 27.78
CA PHE C 51 2.07 -20.69 28.70
C PHE C 51 0.74 -19.96 28.89
N ALA C 52 -0.27 -20.24 28.06
CA ALA C 52 -1.55 -19.54 28.14
C ALA C 52 -2.66 -20.45 27.63
N SER C 53 -3.90 -20.00 27.82
CA SER C 53 -5.07 -20.74 27.36
C SER C 53 -6.15 -19.77 26.92
N PHE C 54 -7.05 -20.27 26.08
CA PHE C 54 -8.21 -19.50 25.66
C PHE C 54 -9.38 -20.44 25.44
N GLU C 55 -10.54 -20.03 25.95
CA GLU C 55 -11.77 -20.82 25.79
C GLU C 55 -12.36 -20.52 24.41
N ALA C 56 -12.23 -21.48 23.49
CA ALA C 56 -12.54 -21.22 22.08
C ALA C 56 -14.02 -20.96 21.86
N GLN C 57 -14.89 -21.54 22.69
CA GLN C 57 -16.33 -21.41 22.47
C GLN C 57 -16.79 -19.96 22.57
N GLY C 58 -16.20 -19.19 23.48
CA GLY C 58 -16.53 -17.77 23.58
C GLY C 58 -16.33 -17.01 22.28
N ALA C 59 -15.35 -17.41 21.48
CA ALA C 59 -15.14 -16.75 20.19
C ALA C 59 -16.31 -17.01 19.25
N LEU C 60 -16.89 -18.22 19.33
CA LEU C 60 -18.08 -18.51 18.52
C LEU C 60 -19.25 -17.63 18.91
N ALA C 61 -19.38 -17.30 20.20
CA ALA C 61 -20.44 -16.39 20.61
C ALA C 61 -20.23 -15.00 20.02
N ASN C 62 -18.98 -14.52 20.01
CA ASN C 62 -18.71 -13.19 19.49
C ASN C 62 -19.05 -13.11 18.00
N ILE C 63 -18.68 -14.12 17.22
CA ILE C 63 -18.89 -14.07 15.78
C ILE C 63 -20.38 -14.08 15.45
N ALA C 64 -21.19 -14.77 16.25
CA ALA C 64 -22.63 -14.73 16.05
C ALA C 64 -23.15 -13.31 16.25
N VAL C 65 -22.59 -12.58 17.22
CA VAL C 65 -22.98 -11.18 17.42
C VAL C 65 -22.51 -10.33 16.25
N ASP C 66 -21.32 -10.62 15.71
CA ASP C 66 -20.84 -9.89 14.54
C ASP C 66 -21.72 -10.15 13.33
N LYS C 67 -22.19 -11.40 13.18
CA LYS C 67 -23.10 -11.71 12.09
C LYS C 67 -24.39 -10.91 12.22
N ALA C 68 -24.97 -10.89 13.43
CA ALA C 68 -26.18 -10.11 13.65
C ALA C 68 -25.94 -8.64 13.38
N ASN C 69 -24.79 -8.11 13.81
CA ASN C 69 -24.50 -6.70 13.59
C ASN C 69 -24.28 -6.40 12.12
N LEU C 70 -23.65 -7.34 11.39
CA LEU C 70 -23.43 -7.13 9.96
C LEU C 70 -24.76 -6.97 9.23
N GLU C 71 -25.72 -7.86 9.50
CA GLU C 71 -27.02 -7.73 8.87
C GLU C 71 -27.68 -6.41 9.23
N ILE C 72 -27.48 -5.91 10.45
CA ILE C 72 -28.06 -4.63 10.83
C ILE C 72 -27.39 -3.50 10.06
N MET C 73 -26.05 -3.50 10.03
CA MET C 73 -25.31 -2.46 9.33
C MET C 73 -25.54 -2.53 7.82
N THR C 74 -25.68 -3.74 7.28
CA THR C 74 -25.93 -3.89 5.85
C THR C 74 -27.21 -3.16 5.45
N LYS C 75 -28.30 -3.42 6.17
CA LYS C 75 -29.56 -2.74 5.90
C LYS C 75 -29.46 -1.25 6.22
N ARG C 76 -28.85 -0.90 7.35
CA ARG C 76 -28.69 0.49 7.74
C ARG C 76 -27.95 1.30 6.68
N SER C 77 -27.01 0.68 5.99
CA SER C 77 -26.25 1.35 4.95
C SER C 77 -26.94 1.32 3.59
N ASN C 78 -28.21 0.91 3.54
CA ASN C 78 -28.92 0.74 2.27
C ASN C 78 -28.17 -0.22 1.35
N TYR C 79 -27.60 -1.27 1.95
CA TYR C 79 -26.94 -2.35 1.21
C TYR C 79 -25.77 -1.86 0.37
N THR C 80 -24.94 -1.02 0.98
CA THR C 80 -23.72 -0.56 0.33
C THR C 80 -22.68 -1.67 0.40
N PRO C 81 -22.35 -2.30 -0.71
CA PRO C 81 -21.39 -3.41 -0.69
C PRO C 81 -19.96 -2.89 -0.55
N ILE C 82 -19.08 -3.80 -0.16
CA ILE C 82 -17.67 -3.47 -0.02
C ILE C 82 -17.05 -3.22 -1.38
N THR C 83 -16.06 -2.34 -1.41
CA THR C 83 -15.28 -2.08 -2.62
C THR C 83 -14.04 -2.96 -2.61
N ASN C 84 -13.90 -3.81 -3.63
CA ASN C 84 -12.78 -4.72 -3.70
C ASN C 84 -11.47 -3.93 -3.80
N VAL C 85 -10.54 -4.23 -2.91
CA VAL C 85 -9.20 -3.64 -2.95
C VAL C 85 -8.22 -4.76 -3.27
N PRO C 86 -7.58 -4.76 -4.44
CA PRO C 86 -6.74 -5.90 -4.82
C PRO C 86 -5.43 -5.89 -4.03
N PRO C 87 -4.82 -7.06 -3.85
CA PRO C 87 -3.62 -7.15 -3.02
C PRO C 87 -2.33 -6.87 -3.77
N GLU C 88 -1.32 -6.48 -3.00
CA GLU C 88 0.08 -6.55 -3.44
C GLU C 88 0.64 -7.89 -3.02
N VAL C 89 1.44 -8.51 -3.89
CA VAL C 89 1.99 -9.83 -3.60
C VAL C 89 3.51 -9.79 -3.74
N THR C 90 4.20 -10.31 -2.73
CA THR C 90 5.66 -10.35 -2.68
C THR C 90 6.10 -11.76 -2.34
N VAL C 91 7.11 -12.26 -3.04
CA VAL C 91 7.70 -13.56 -2.73
C VAL C 91 9.13 -13.35 -2.27
N LEU C 92 9.49 -13.94 -1.14
CA LEU C 92 10.82 -13.82 -0.57
C LEU C 92 11.21 -15.15 0.05
N THR C 93 12.52 -15.34 0.22
CA THR C 93 12.99 -16.48 0.99
C THR C 93 13.10 -16.08 2.46
N ASN C 94 13.10 -17.10 3.32
CA ASN C 94 13.27 -16.91 4.74
C ASN C 94 14.75 -16.76 5.09
N SER C 95 15.62 -17.31 4.26
CA SER C 95 17.05 -17.42 4.50
C SER C 95 17.78 -17.17 3.17
N PRO C 96 19.03 -16.73 3.23
CA PRO C 96 19.86 -16.69 2.01
C PRO C 96 19.89 -18.07 1.33
N VAL C 97 19.75 -18.05 0.01
CA VAL C 97 19.67 -19.30 -0.76
C VAL C 97 21.06 -19.90 -0.89
N GLU C 98 21.23 -21.11 -0.37
CA GLU C 98 22.42 -21.92 -0.61
C GLU C 98 21.93 -23.34 -0.89
N LEU C 99 22.16 -23.84 -2.09
CA LEU C 99 21.57 -25.12 -2.45
C LEU C 99 22.22 -26.24 -1.65
N ARG C 100 21.46 -27.35 -1.53
CA ARG C 100 21.70 -28.41 -0.55
C ARG C 100 21.48 -27.92 0.88
N GLU C 101 20.81 -26.78 1.04
CA GLU C 101 20.39 -26.28 2.35
C GLU C 101 18.90 -25.95 2.26
N PRO C 102 18.04 -26.61 3.04
CA PRO C 102 16.61 -26.33 2.94
C PRO C 102 16.29 -24.88 3.23
N ASN C 103 15.24 -24.38 2.56
CA ASN C 103 14.81 -23.00 2.72
C ASN C 103 13.29 -22.98 2.74
N VAL C 104 12.73 -21.77 2.85
CA VAL C 104 11.29 -21.58 2.89
C VAL C 104 10.94 -20.39 2.00
N LEU C 105 10.05 -20.61 1.03
CA LEU C 105 9.51 -19.51 0.25
C LEU C 105 8.33 -18.89 0.99
N ILE C 106 8.28 -17.56 0.98
CA ILE C 106 7.25 -16.81 1.68
C ILE C 106 6.49 -16.01 0.63
N CYS C 107 5.17 -16.18 0.61
CA CYS C 107 4.31 -15.37 -0.24
C CYS C 107 3.58 -14.40 0.67
N PHE C 108 3.86 -13.11 0.50
CA PHE C 108 3.27 -12.07 1.33
C PHE C 108 2.18 -11.37 0.53
N ILE C 109 0.93 -11.57 0.94
CA ILE C 109 -0.23 -10.99 0.29
C ILE C 109 -0.76 -9.88 1.19
N ASP C 110 -0.83 -8.66 0.67
CA ASP C 110 -0.95 -7.49 1.52
C ASP C 110 -1.97 -6.49 0.96
N LYS C 111 -2.60 -5.74 1.87
CA LYS C 111 -3.38 -4.54 1.53
C LYS C 111 -4.59 -4.87 0.67
N PHE C 112 -5.41 -5.82 1.13
CA PHE C 112 -6.54 -6.26 0.33
C PHE C 112 -7.77 -6.43 1.20
N THR C 113 -8.94 -6.37 0.55
CA THR C 113 -10.24 -6.65 1.14
C THR C 113 -11.21 -6.93 -0.01
N PRO C 114 -12.19 -7.82 0.18
CA PRO C 114 -12.52 -8.63 1.36
C PRO C 114 -11.51 -9.74 1.64
N PRO C 115 -11.53 -10.30 2.85
CA PRO C 115 -10.58 -11.38 3.19
C PRO C 115 -11.01 -12.72 2.58
N VAL C 116 -10.87 -12.81 1.26
CA VAL C 116 -11.07 -14.03 0.50
C VAL C 116 -9.99 -14.06 -0.59
N VAL C 117 -9.14 -15.08 -0.57
CA VAL C 117 -8.12 -15.25 -1.61
C VAL C 117 -7.99 -16.73 -1.91
N ASN C 118 -7.60 -17.02 -3.15
CA ASN C 118 -7.12 -18.34 -3.54
C ASN C 118 -5.62 -18.23 -3.81
N VAL C 119 -4.83 -19.04 -3.12
CA VAL C 119 -3.38 -19.02 -3.25
C VAL C 119 -2.91 -20.40 -3.67
N THR C 120 -2.05 -20.45 -4.68
CA THR C 120 -1.46 -21.70 -5.15
C THR C 120 0.02 -21.51 -5.36
N TRP C 121 0.82 -22.43 -4.80
CA TRP C 121 2.24 -22.51 -5.12
C TRP C 121 2.42 -23.32 -6.39
N LEU C 122 3.16 -22.78 -7.35
CA LEU C 122 3.48 -23.49 -8.59
C LEU C 122 4.98 -23.69 -8.68
N ARG C 123 5.41 -24.93 -8.83
CA ARG C 123 6.79 -25.26 -9.17
C ARG C 123 6.82 -25.72 -10.62
N ASN C 124 7.46 -24.95 -11.48
CA ASN C 124 7.52 -25.24 -12.91
C ASN C 124 6.12 -25.40 -13.48
N GLY C 125 5.21 -24.50 -13.10
CA GLY C 125 3.85 -24.51 -13.58
C GLY C 125 2.93 -25.52 -12.93
N LYS C 126 3.48 -26.52 -12.22
CA LYS C 126 2.65 -27.54 -11.59
C LYS C 126 2.38 -27.18 -10.13
N PRO C 127 1.12 -27.21 -9.68
CA PRO C 127 0.83 -26.88 -8.29
C PRO C 127 1.57 -27.79 -7.32
N VAL C 128 1.93 -27.25 -6.17
CA VAL C 128 2.60 -28.02 -5.12
C VAL C 128 1.86 -27.81 -3.82
N THR C 129 1.68 -28.90 -3.07
CA THR C 129 0.96 -28.88 -1.80
C THR C 129 1.73 -29.51 -0.66
N THR C 130 2.82 -30.22 -0.92
CA THR C 130 3.51 -30.95 0.13
C THR C 130 4.30 -30.00 1.02
N GLY C 131 3.98 -30.00 2.31
CA GLY C 131 4.65 -29.16 3.28
C GLY C 131 4.16 -27.73 3.35
N VAL C 132 3.26 -27.31 2.46
CA VAL C 132 2.81 -25.93 2.46
C VAL C 132 2.05 -25.62 3.76
N SER C 133 2.11 -24.37 4.17
CA SER C 133 1.33 -23.88 5.28
C SER C 133 0.89 -22.45 4.98
N GLU C 134 -0.08 -21.97 5.74
CA GLU C 134 -0.59 -20.62 5.52
C GLU C 134 -1.08 -20.05 6.84
N THR C 135 -1.19 -18.74 6.90
CA THR C 135 -1.75 -18.06 8.06
C THR C 135 -3.19 -17.66 7.77
N VAL C 136 -3.86 -17.22 8.83
CA VAL C 136 -5.22 -16.71 8.72
C VAL C 136 -5.12 -15.26 8.23
N PHE C 137 -6.26 -14.62 8.00
CA PHE C 137 -6.24 -13.23 7.56
C PHE C 137 -5.85 -12.33 8.73
N LEU C 138 -4.89 -11.46 8.51
CA LEU C 138 -4.33 -10.67 9.59
C LEU C 138 -4.70 -9.20 9.41
N PRO C 139 -5.14 -8.54 10.47
CA PRO C 139 -5.69 -7.18 10.33
C PRO C 139 -4.59 -6.15 10.11
N ARG C 140 -4.92 -5.12 9.34
CA ARG C 140 -4.04 -3.97 9.15
C ARG C 140 -4.64 -2.76 9.86
N GLU C 141 -3.78 -1.79 10.16
CA GLU C 141 -4.26 -0.57 10.81
C GLU C 141 -5.11 0.28 9.89
N ASP C 142 -5.03 0.08 8.58
CA ASP C 142 -5.98 0.69 7.65
C ASP C 142 -7.17 -0.21 7.41
N HIS C 143 -7.28 -1.32 8.15
CA HIS C 143 -8.43 -2.21 8.19
C HIS C 143 -8.62 -3.00 6.91
N LEU C 144 -7.59 -3.04 6.05
CA LEU C 144 -7.44 -4.07 5.04
C LEU C 144 -6.80 -5.29 5.68
N PHE C 145 -6.31 -6.24 4.88
CA PHE C 145 -5.81 -7.49 5.46
C PHE C 145 -4.47 -7.85 4.84
N ARG C 146 -3.74 -8.73 5.54
CA ARG C 146 -2.53 -9.33 5.03
C ARG C 146 -2.60 -10.83 5.27
N LYS C 147 -1.69 -11.57 4.62
CA LYS C 147 -1.70 -13.02 4.72
C LYS C 147 -0.34 -13.55 4.30
N PHE C 148 0.04 -14.70 4.87
CA PHE C 148 1.30 -15.35 4.54
C PHE C 148 1.04 -16.80 4.14
N HIS C 149 1.63 -17.20 3.01
CA HIS C 149 1.71 -18.61 2.64
C HIS C 149 3.17 -19.02 2.56
N TYR C 150 3.44 -20.29 2.90
CA TYR C 150 4.80 -20.79 3.09
C TYR C 150 5.04 -22.08 2.31
N LEU C 151 6.17 -22.15 1.64
CA LEU C 151 6.55 -23.33 0.87
C LEU C 151 7.97 -23.77 1.24
N PRO C 152 8.12 -24.81 2.06
CA PRO C 152 9.45 -25.39 2.28
C PRO C 152 9.97 -26.01 0.98
N PHE C 153 11.21 -25.71 0.64
CA PHE C 153 11.74 -26.14 -0.64
C PHE C 153 13.25 -26.30 -0.54
N LEU C 154 13.81 -27.01 -1.53
CA LEU C 154 15.24 -27.22 -1.63
C LEU C 154 15.75 -26.46 -2.84
N PRO C 155 16.68 -25.52 -2.66
CA PRO C 155 17.10 -24.66 -3.79
C PRO C 155 17.71 -25.46 -4.92
N SER C 156 17.41 -25.04 -6.14
CA SER C 156 17.90 -25.71 -7.34
C SER C 156 17.95 -24.70 -8.46
N THR C 157 18.97 -24.83 -9.32
CA THR C 157 19.14 -23.91 -10.44
C THR C 157 18.14 -24.17 -11.57
N GLU C 158 17.49 -25.33 -11.56
CA GLU C 158 16.55 -25.69 -12.63
C GLU C 158 15.09 -25.50 -12.24
N ASP C 159 14.80 -25.22 -10.98
CA ASP C 159 13.43 -25.05 -10.54
C ASP C 159 12.99 -23.60 -10.64
N VAL C 160 11.69 -23.42 -10.88
CA VAL C 160 11.08 -22.12 -11.06
C VAL C 160 9.77 -22.13 -10.30
N TYR C 161 9.50 -21.05 -9.54
CA TYR C 161 8.35 -21.01 -8.65
C TYR C 161 7.48 -19.80 -8.92
N ASP C 162 6.20 -19.93 -8.59
CA ASP C 162 5.25 -18.83 -8.67
C ASP C 162 4.29 -18.93 -7.49
N CYS C 163 3.88 -17.79 -6.97
CA CYS C 163 2.78 -17.72 -6.02
C CYS C 163 1.61 -17.10 -6.77
N ARG C 164 0.58 -17.92 -7.05
CA ARG C 164 -0.57 -17.47 -7.82
C ARG C 164 -1.70 -17.07 -6.88
N VAL C 165 -2.19 -15.84 -7.05
CA VAL C 165 -3.16 -15.27 -6.13
C VAL C 165 -4.39 -14.81 -6.92
N GLU C 166 -5.57 -15.27 -6.50
CA GLU C 166 -6.84 -14.84 -7.07
C GLU C 166 -7.59 -14.01 -6.06
N HIS C 167 -8.11 -12.87 -6.51
CA HIS C 167 -8.87 -11.97 -5.65
C HIS C 167 -9.85 -11.22 -6.53
N TRP C 168 -11.07 -10.99 -6.02
CA TRP C 168 -12.11 -10.37 -6.82
C TRP C 168 -11.75 -8.96 -7.26
N GLY C 169 -10.82 -8.31 -6.56
CA GLY C 169 -10.32 -7.02 -7.00
C GLY C 169 -9.32 -7.08 -8.14
N LEU C 170 -8.88 -8.28 -8.52
CA LEU C 170 -7.99 -8.47 -9.65
C LEU C 170 -8.79 -8.87 -10.89
N ASP C 171 -8.39 -8.33 -12.04
CA ASP C 171 -9.00 -8.71 -13.32
C ASP C 171 -8.55 -10.08 -13.80
N GLU C 172 -7.53 -10.66 -13.19
CA GLU C 172 -6.97 -11.93 -13.61
C GLU C 172 -6.10 -12.45 -12.47
N PRO C 173 -5.77 -13.74 -12.48
CA PRO C 173 -4.88 -14.27 -11.43
C PRO C 173 -3.51 -13.61 -11.50
N LEU C 174 -2.97 -13.27 -10.33
CA LEU C 174 -1.66 -12.64 -10.20
C LEU C 174 -0.62 -13.71 -9.91
N LEU C 175 0.40 -13.79 -10.76
CA LEU C 175 1.52 -14.70 -10.56
C LEU C 175 2.75 -13.90 -10.16
N LYS C 176 3.29 -14.19 -8.99
CA LYS C 176 4.54 -13.57 -8.54
C LYS C 176 5.64 -14.60 -8.67
N HIS C 177 6.70 -14.24 -9.37
CA HIS C 177 7.71 -15.17 -9.82
C HIS C 177 8.91 -15.20 -8.87
N TRP C 178 9.58 -16.36 -8.80
CA TRP C 178 10.83 -16.47 -8.04
C TRP C 178 11.69 -17.59 -8.63
N GLU C 179 12.99 -17.33 -8.79
CA GLU C 179 13.96 -18.33 -9.21
C GLU C 179 15.24 -18.13 -8.43
N PHE C 180 16.05 -19.19 -8.37
CA PHE C 180 17.41 -19.08 -7.86
C PHE C 180 18.36 -19.05 -9.06
N ASP C 181 19.03 -17.93 -9.26
CA ASP C 181 19.97 -17.79 -10.38
C ASP C 181 21.28 -17.18 -9.92
N ASP D 1 -17.72 -15.71 -6.41
CA ASP D 1 -18.41 -15.38 -7.65
C ASP D 1 -18.41 -13.88 -7.93
N THR D 2 -19.55 -13.35 -8.36
CA THR D 2 -19.71 -11.92 -8.64
C THR D 2 -20.71 -11.26 -7.70
N ARG D 3 -21.20 -11.98 -6.69
CA ARG D 3 -22.15 -11.41 -5.75
C ARG D 3 -21.49 -10.32 -4.91
N PRO D 4 -22.26 -9.31 -4.50
CA PRO D 4 -21.72 -8.28 -3.61
C PRO D 4 -21.39 -8.86 -2.24
N ARG D 5 -20.39 -8.27 -1.60
CA ARG D 5 -19.91 -8.73 -0.30
C ARG D 5 -20.12 -7.65 0.76
N PHE D 6 -20.36 -8.10 1.99
CA PHE D 6 -20.55 -7.21 3.13
C PHE D 6 -19.73 -7.73 4.30
N LEU D 7 -18.96 -6.83 4.92
CA LEU D 7 -17.97 -7.19 5.93
C LEU D 7 -18.16 -6.36 7.20
N GLU D 8 -18.21 -7.04 8.33
CA GLU D 8 -18.25 -6.41 9.65
C GLU D 8 -16.95 -6.69 10.38
N GLN D 9 -16.34 -5.67 10.97
CA GLN D 9 -15.12 -5.88 11.75
C GLN D 9 -15.28 -5.29 13.14
N VAL D 10 -14.67 -5.95 14.12
CA VAL D 10 -14.57 -5.43 15.48
C VAL D 10 -13.12 -5.56 15.92
N LYS D 11 -12.58 -4.51 16.54
CA LYS D 11 -11.21 -4.51 17.04
C LYS D 11 -11.19 -3.95 18.45
N HIS D 12 -10.84 -4.80 19.41
CA HIS D 12 -10.64 -4.38 20.80
C HIS D 12 -9.14 -4.21 21.02
N GLU D 13 -8.70 -2.97 21.17
CA GLU D 13 -7.28 -2.62 21.16
C GLU D 13 -6.80 -2.25 22.55
N CYS D 14 -5.61 -2.73 22.90
CA CYS D 14 -4.95 -2.37 24.15
C CYS D 14 -3.58 -1.79 23.78
N HIS D 15 -3.41 -0.50 24.02
CA HIS D 15 -2.14 0.19 23.77
C HIS D 15 -1.43 0.42 25.10
N PHE D 16 -0.15 0.03 25.16
CA PHE D 16 0.62 0.04 26.40
C PHE D 16 1.80 1.00 26.29
N PHE D 17 1.94 1.87 27.30
CA PHE D 17 3.05 2.81 27.41
C PHE D 17 3.76 2.56 28.75
N ASN D 18 5.10 2.57 28.73
CA ASN D 18 5.92 2.44 29.93
C ASN D 18 5.56 1.16 30.69
N GLY D 19 5.66 0.05 29.98
CA GLY D 19 5.16 -1.21 30.52
C GLY D 19 3.65 -1.19 30.54
N THR D 20 3.07 -1.26 31.74
CA THR D 20 1.62 -1.09 31.91
C THR D 20 1.29 0.18 32.70
N GLU D 21 2.22 1.13 32.77
CA GLU D 21 1.98 2.37 33.50
C GLU D 21 0.86 3.18 32.86
N ARG D 22 0.93 3.38 31.55
CA ARG D 22 -0.12 4.06 30.80
C ARG D 22 -0.76 3.07 29.84
N VAL D 23 -2.07 2.92 29.92
CA VAL D 23 -2.80 1.98 29.08
C VAL D 23 -4.01 2.68 28.48
N ARG D 24 -4.27 2.41 27.21
CA ARG D 24 -5.41 2.97 26.50
C ARG D 24 -6.17 1.84 25.83
N PHE D 25 -7.43 1.68 26.21
CA PHE D 25 -8.32 0.67 25.61
C PHE D 25 -9.27 1.33 24.62
N LEU D 26 -9.42 0.70 23.46
CA LEU D 26 -10.35 1.18 22.44
C LEU D 26 -11.15 0.02 21.88
N ASP D 27 -12.48 0.18 21.87
CA ASP D 27 -13.44 -0.77 21.34
C ASP D 27 -13.96 -0.20 20.03
N ARG D 28 -13.60 -0.82 18.91
CA ARG D 28 -13.83 -0.23 17.59
C ARG D 28 -14.69 -1.13 16.71
N TYR D 29 -15.70 -0.56 16.08
CA TYR D 29 -16.60 -1.30 15.20
C TYR D 29 -16.54 -0.74 13.79
N PHE D 30 -16.45 -1.64 12.81
CA PHE D 30 -16.25 -1.25 11.42
C PHE D 30 -17.30 -1.91 10.51
N TYR D 31 -17.77 -1.15 9.53
CA TYR D 31 -18.54 -1.69 8.43
C TYR D 31 -17.68 -1.53 7.17
N HIS D 32 -17.30 -2.66 6.56
CA HIS D 32 -16.29 -2.73 5.50
C HIS D 32 -14.97 -2.32 6.14
N GLN D 33 -14.33 -1.22 5.73
CA GLN D 33 -13.17 -0.72 6.45
C GLN D 33 -13.43 0.65 7.05
N GLU D 34 -14.68 1.01 7.26
CA GLU D 34 -15.07 2.29 7.81
C GLU D 34 -15.50 2.11 9.26
N GLU D 35 -14.80 2.78 10.17
CA GLU D 35 -15.18 2.77 11.58
C GLU D 35 -16.38 3.67 11.78
N TYR D 36 -17.41 3.16 12.46
CA TYR D 36 -18.62 3.93 12.69
C TYR D 36 -18.92 4.23 14.15
N VAL D 37 -18.28 3.55 15.10
CA VAL D 37 -18.51 3.81 16.52
C VAL D 37 -17.35 3.23 17.31
N ARG D 38 -17.01 3.88 18.42
CA ARG D 38 -15.88 3.43 19.22
C ARG D 38 -16.05 3.85 20.67
N PHE D 39 -15.42 3.09 21.56
CA PHE D 39 -15.23 3.50 22.95
C PHE D 39 -13.74 3.74 23.17
N ASP D 40 -13.41 4.90 23.71
CA ASP D 40 -12.03 5.29 23.99
C ASP D 40 -11.88 5.49 25.48
N SER D 41 -11.05 4.65 26.12
CA SER D 41 -10.88 4.74 27.57
C SER D 41 -10.40 6.12 28.00
N ASP D 42 -9.72 6.85 27.11
CA ASP D 42 -9.36 8.22 27.42
C ASP D 42 -10.56 9.14 27.40
N VAL D 43 -11.67 8.72 26.78
CA VAL D 43 -12.89 9.52 26.73
C VAL D 43 -13.90 9.05 27.76
N GLY D 44 -14.08 7.74 27.91
CA GLY D 44 -14.94 7.18 28.93
C GLY D 44 -16.35 6.85 28.50
N GLU D 45 -16.71 7.11 27.24
CA GLU D 45 -18.01 6.73 26.72
C GLU D 45 -17.89 6.53 25.22
N TYR D 46 -18.92 5.92 24.63
CA TYR D 46 -18.89 5.66 23.19
C TYR D 46 -19.07 6.94 22.40
N ARG D 47 -18.51 6.95 21.19
CA ARG D 47 -18.63 8.09 20.30
C ARG D 47 -18.84 7.59 18.87
N ALA D 48 -19.79 8.21 18.18
CA ALA D 48 -20.04 7.88 16.79
C ALA D 48 -18.91 8.39 15.92
N VAL D 49 -18.22 7.48 15.24
CA VAL D 49 -17.12 7.87 14.36
C VAL D 49 -17.67 8.38 13.03
N THR D 50 -18.76 7.80 12.55
CA THR D 50 -19.50 8.31 11.41
C THR D 50 -20.98 8.36 11.78
N GLU D 51 -21.78 8.89 10.86
CA GLU D 51 -23.22 9.03 11.11
C GLU D 51 -23.90 7.69 11.28
N LEU D 52 -23.38 6.63 10.68
CA LEU D 52 -23.99 5.31 10.79
C LEU D 52 -24.05 4.83 12.24
N GLY D 53 -22.99 5.07 13.01
CA GLY D 53 -22.94 4.64 14.40
C GLY D 53 -23.67 5.51 15.38
N ARG D 54 -24.43 6.49 14.89
CA ARG D 54 -25.19 7.42 15.72
C ARG D 54 -26.13 6.69 16.69
N PRO D 55 -27.01 5.80 16.22
CA PRO D 55 -27.90 5.13 17.18
C PRO D 55 -27.15 4.23 18.14
N ASP D 56 -26.06 3.61 17.70
CA ASP D 56 -25.32 2.72 18.59
C ASP D 56 -24.74 3.49 19.77
N ALA D 57 -23.97 4.55 19.50
CA ALA D 57 -23.35 5.33 20.56
C ALA D 57 -24.38 5.88 21.53
N GLU D 58 -25.45 6.48 21.00
CA GLU D 58 -26.51 7.01 21.84
C GLU D 58 -27.16 5.92 22.69
N TYR D 59 -27.39 4.75 22.08
CA TYR D 59 -28.03 3.64 22.80
C TYR D 59 -27.08 3.02 23.81
N TRP D 60 -25.82 2.80 23.43
CA TRP D 60 -24.89 2.13 24.34
C TRP D 60 -24.57 3.02 25.54
N ASN D 61 -24.47 4.34 25.33
CA ASN D 61 -24.19 5.25 26.45
C ASN D 61 -25.33 5.28 27.48
N SER D 62 -26.50 4.75 27.14
CA SER D 62 -27.64 4.81 28.05
C SER D 62 -27.64 3.69 29.07
N GLN D 63 -27.11 2.52 28.71
CA GLN D 63 -26.99 1.41 29.64
C GLN D 63 -25.74 1.65 30.47
N LYS D 64 -25.93 2.00 31.74
CA LYS D 64 -24.84 2.53 32.53
C LYS D 64 -23.91 1.42 33.04
N ASP D 65 -24.47 0.26 33.41
CA ASP D 65 -23.61 -0.84 33.86
C ASP D 65 -22.67 -1.29 32.75
N LEU D 66 -23.18 -1.36 31.52
CA LEU D 66 -22.35 -1.47 30.31
C LEU D 66 -21.08 -0.64 30.41
N LEU D 67 -21.25 0.64 30.73
CA LEU D 67 -20.19 1.62 30.60
C LEU D 67 -19.19 1.56 31.76
N GLU D 68 -19.59 1.06 32.93
CA GLU D 68 -18.63 0.84 34.00
C GLU D 68 -17.77 -0.40 33.75
N GLN D 69 -18.26 -1.35 32.97
CA GLN D 69 -17.40 -2.46 32.54
C GLN D 69 -16.29 -1.95 31.65
N LYS D 70 -16.66 -1.19 30.61
CA LYS D 70 -15.68 -0.73 29.63
C LYS D 70 -14.69 0.26 30.22
N ARG D 71 -15.13 1.08 31.17
CA ARG D 71 -14.22 2.01 31.81
C ARG D 71 -13.20 1.31 32.70
N ALA D 72 -13.40 0.03 33.02
CA ALA D 72 -12.44 -0.77 33.74
C ALA D 72 -11.76 -1.82 32.85
N ALA D 73 -11.95 -1.73 31.53
CA ALA D 73 -11.30 -2.70 30.64
C ALA D 73 -9.78 -2.60 30.70
N VAL D 74 -9.24 -1.39 30.92
CA VAL D 74 -7.79 -1.23 30.98
C VAL D 74 -7.17 -2.10 32.04
N ASP D 75 -7.95 -2.52 33.04
CA ASP D 75 -7.46 -3.42 34.08
C ASP D 75 -7.93 -4.85 33.89
N THR D 76 -9.25 -5.05 33.78
CA THR D 76 -9.81 -6.39 33.71
C THR D 76 -9.46 -7.10 32.39
N TYR D 77 -9.13 -6.36 31.34
CA TYR D 77 -8.88 -6.95 30.03
C TYR D 77 -7.45 -6.68 29.57
N CYS D 78 -7.06 -5.43 29.40
CA CYS D 78 -5.76 -5.10 28.83
C CYS D 78 -4.61 -5.52 29.75
N ARG D 79 -4.61 -5.01 30.99
CA ARG D 79 -3.51 -5.34 31.89
C ARG D 79 -3.49 -6.81 32.25
N HIS D 80 -4.65 -7.46 32.33
CA HIS D 80 -4.67 -8.89 32.60
C HIS D 80 -4.05 -9.68 31.45
N ASN D 81 -4.48 -9.39 30.21
CA ASN D 81 -3.94 -10.13 29.07
C ASN D 81 -2.46 -9.84 28.87
N TYR D 82 -2.02 -8.62 29.21
CA TYR D 82 -0.59 -8.29 29.15
C TYR D 82 0.22 -9.23 30.02
N GLY D 83 -0.26 -9.50 31.24
CA GLY D 83 0.45 -10.41 32.12
C GLY D 83 0.45 -11.84 31.61
N VAL D 84 -0.66 -12.26 31.01
CA VAL D 84 -0.80 -13.64 30.54
C VAL D 84 0.20 -13.94 29.44
N GLY D 85 0.42 -13.01 28.51
CA GLY D 85 1.34 -13.23 27.41
C GLY D 85 2.70 -12.60 27.56
N GLU D 86 3.01 -11.98 28.71
CA GLU D 86 4.23 -11.20 28.87
C GLU D 86 5.47 -12.02 28.52
N SER D 87 5.58 -13.23 29.05
CA SER D 87 6.82 -13.98 28.96
C SER D 87 7.18 -14.35 27.53
N PHE D 88 6.19 -14.57 26.65
CA PHE D 88 6.46 -15.02 25.28
C PHE D 88 6.12 -13.98 24.22
N THR D 89 5.80 -12.74 24.62
CA THR D 89 5.62 -11.64 23.68
C THR D 89 6.56 -10.50 24.03
N VAL D 90 6.31 -9.80 25.13
CA VAL D 90 7.11 -8.62 25.49
C VAL D 90 8.57 -9.00 25.70
N GLN D 91 8.82 -10.20 26.22
CA GLN D 91 10.18 -10.62 26.56
C GLN D 91 10.71 -11.68 25.58
N ARG D 92 10.05 -11.89 24.46
CA ARG D 92 10.57 -12.82 23.46
C ARG D 92 11.82 -12.23 22.82
N ARG D 93 12.93 -12.96 22.92
CA ARG D 93 14.19 -12.58 22.27
C ARG D 93 14.71 -13.75 21.48
N VAL D 94 14.96 -13.55 20.19
CA VAL D 94 15.50 -14.57 19.29
C VAL D 94 16.69 -13.98 18.54
N TYR D 95 17.80 -14.72 18.50
CA TYR D 95 19.04 -14.24 17.90
C TYR D 95 18.85 -13.94 16.42
N PRO D 96 19.49 -12.88 15.92
CA PRO D 96 19.66 -12.75 14.46
C PRO D 96 20.74 -13.68 13.94
N GLU D 97 20.53 -14.18 12.72
CA GLU D 97 21.56 -14.86 11.95
C GLU D 97 22.05 -13.90 10.86
N VAL D 98 23.36 -13.85 10.65
CA VAL D 98 23.96 -12.87 9.76
C VAL D 98 24.76 -13.59 8.67
N THR D 99 24.44 -13.29 7.41
CA THR D 99 25.16 -13.79 6.25
C THR D 99 25.65 -12.61 5.43
N VAL D 100 26.90 -12.67 4.99
CA VAL D 100 27.49 -11.63 4.16
C VAL D 100 27.95 -12.28 2.87
N TYR D 101 27.60 -11.67 1.73
CA TYR D 101 28.00 -12.21 0.44
C TYR D 101 27.94 -11.11 -0.59
N PRO D 102 28.85 -11.11 -1.56
CA PRO D 102 28.73 -10.17 -2.68
C PRO D 102 27.59 -10.58 -3.61
N ALA D 103 26.79 -9.59 -4.02
CA ALA D 103 25.66 -9.88 -4.89
C ALA D 103 26.11 -10.46 -6.22
N LYS D 104 27.28 -10.06 -6.72
CA LYS D 104 27.77 -10.49 -8.02
C LYS D 104 29.11 -11.20 -7.87
N THR D 105 29.27 -12.33 -8.55
CA THR D 105 30.53 -13.06 -8.60
C THR D 105 31.33 -12.53 -9.79
N GLN D 106 32.40 -11.78 -9.51
CA GLN D 106 33.04 -10.97 -10.53
C GLN D 106 34.47 -10.67 -10.10
N PRO D 107 35.33 -10.24 -11.02
CA PRO D 107 36.65 -9.73 -10.63
C PRO D 107 36.53 -8.50 -9.73
N LEU D 108 37.64 -8.20 -9.06
CA LEU D 108 37.72 -7.00 -8.23
C LEU D 108 37.83 -5.77 -9.13
N GLN D 109 37.79 -4.60 -8.48
CA GLN D 109 37.90 -3.30 -9.12
C GLN D 109 36.66 -2.93 -9.92
N HIS D 110 35.51 -3.51 -9.62
CA HIS D 110 34.26 -3.17 -10.29
C HIS D 110 33.17 -3.03 -9.23
N HIS D 111 32.25 -2.09 -9.47
CA HIS D 111 31.22 -1.83 -8.48
C HIS D 111 30.47 -3.11 -8.14
N ASN D 112 30.07 -3.22 -6.87
CA ASN D 112 29.40 -4.40 -6.39
C ASN D 112 28.53 -3.99 -5.22
N LEU D 113 27.61 -4.88 -4.87
CA LEU D 113 26.77 -4.72 -3.70
C LEU D 113 27.15 -5.80 -2.71
N LEU D 114 27.54 -5.39 -1.50
CA LEU D 114 27.85 -6.32 -0.43
C LEU D 114 26.61 -6.47 0.44
N VAL D 115 26.04 -7.67 0.45
CA VAL D 115 24.78 -7.93 1.13
C VAL D 115 25.07 -8.43 2.53
N CYS D 116 24.47 -7.76 3.52
CA CYS D 116 24.43 -8.24 4.88
C CYS D 116 22.99 -8.66 5.15
N SER D 117 22.73 -9.96 5.07
CA SER D 117 21.39 -10.50 5.28
C SER D 117 21.26 -10.90 6.74
N VAL D 118 20.28 -10.33 7.43
CA VAL D 118 20.07 -10.56 8.86
C VAL D 118 18.70 -11.20 9.03
N ASN D 119 18.66 -12.39 9.62
CA ASN D 119 17.47 -13.23 9.52
C ASN D 119 17.12 -13.86 10.86
N GLY D 120 15.81 -14.02 11.07
CA GLY D 120 15.29 -14.86 12.13
C GLY D 120 15.15 -14.21 13.49
N PHE D 121 15.29 -12.90 13.60
CA PHE D 121 15.40 -12.27 14.91
C PHE D 121 14.05 -11.74 15.40
N TYR D 122 13.98 -11.50 16.71
CA TYR D 122 12.83 -10.90 17.39
C TYR D 122 13.34 -10.27 18.66
N PRO D 123 12.91 -9.04 19.01
CA PRO D 123 11.92 -8.22 18.31
C PRO D 123 12.49 -7.46 17.11
N GLY D 124 11.75 -6.45 16.62
CA GLY D 124 12.09 -5.83 15.34
C GLY D 124 13.17 -4.77 15.42
N SER D 125 13.37 -4.15 16.58
CA SER D 125 14.42 -3.15 16.71
C SER D 125 15.79 -3.76 16.45
N ILE D 126 16.53 -3.20 15.49
CA ILE D 126 17.84 -3.72 15.14
C ILE D 126 18.65 -2.58 14.53
N GLU D 127 19.97 -2.70 14.64
CA GLU D 127 20.89 -1.72 14.08
C GLU D 127 21.97 -2.46 13.29
N VAL D 128 22.10 -2.13 12.01
CA VAL D 128 23.01 -2.81 11.08
C VAL D 128 23.92 -1.78 10.45
N ARG D 129 25.23 -1.92 10.65
CA ARG D 129 26.21 -0.97 10.15
C ARG D 129 27.30 -1.68 9.36
N TRP D 130 27.77 -0.99 8.32
CA TRP D 130 28.84 -1.48 7.46
C TRP D 130 30.13 -0.77 7.79
N PHE D 131 31.24 -1.51 7.76
CA PHE D 131 32.55 -0.97 8.04
C PHE D 131 33.51 -1.40 6.95
N ARG D 132 34.34 -0.45 6.49
CA ARG D 132 35.41 -0.71 5.55
C ARG D 132 36.73 -0.43 6.27
N ASN D 133 37.53 -1.48 6.44
CA ASN D 133 38.80 -1.40 7.16
C ASN D 133 38.64 -0.78 8.55
N GLY D 134 37.49 -1.03 9.19
CA GLY D 134 37.26 -0.55 10.53
C GLY D 134 36.67 0.83 10.63
N GLN D 135 36.26 1.43 9.50
CA GLN D 135 35.66 2.76 9.48
C GLN D 135 34.24 2.65 8.94
N GLU D 136 33.28 3.17 9.72
CA GLU D 136 31.88 3.01 9.37
C GLU D 136 31.58 3.68 8.03
N GLU D 137 30.81 2.99 7.19
CA GLU D 137 30.33 3.55 5.94
C GLU D 137 28.94 4.13 6.20
N LYS D 138 28.81 5.45 6.06
CA LYS D 138 27.51 6.08 6.16
C LYS D 138 26.88 6.35 4.79
N THR D 139 27.67 6.33 3.72
CA THR D 139 27.21 6.56 2.37
C THR D 139 26.98 5.24 1.65
N GLY D 140 26.08 5.26 0.67
CA GLY D 140 25.91 4.12 -0.21
C GLY D 140 25.34 2.87 0.44
N VAL D 141 24.55 3.03 1.49
CA VAL D 141 23.95 1.90 2.19
C VAL D 141 22.49 1.81 1.78
N VAL D 142 22.10 0.63 1.27
CA VAL D 142 20.75 0.40 0.77
C VAL D 142 20.12 -0.70 1.61
N SER D 143 19.00 -0.39 2.25
CA SER D 143 18.35 -1.29 3.18
C SER D 143 16.92 -1.57 2.76
N THR D 144 16.50 -2.84 2.88
CA THR D 144 15.11 -3.23 2.66
C THR D 144 14.20 -2.76 3.78
N GLY D 145 14.76 -2.31 4.90
CA GLY D 145 13.96 -2.10 6.08
C GLY D 145 13.57 -3.41 6.74
N LEU D 146 12.73 -3.27 7.76
CA LEU D 146 12.25 -4.40 8.54
C LEU D 146 11.23 -5.21 7.75
N ILE D 147 11.40 -6.52 7.73
CA ILE D 147 10.49 -7.40 7.01
C ILE D 147 9.93 -8.41 7.98
N GLN D 148 8.61 -8.47 8.09
CA GLN D 148 7.92 -9.39 8.99
C GLN D 148 7.65 -10.69 8.24
N ASN D 149 8.21 -11.80 8.74
CA ASN D 149 8.01 -13.08 8.09
C ASN D 149 6.67 -13.73 8.44
N GLY D 150 5.94 -13.18 9.41
CA GLY D 150 4.65 -13.72 9.79
C GLY D 150 4.69 -14.81 10.83
N ASP D 151 5.88 -15.24 11.27
CA ASP D 151 6.04 -16.31 12.24
C ASP D 151 6.81 -15.85 13.47
N TRP D 152 6.66 -14.58 13.85
CA TRP D 152 7.36 -14.02 15.01
C TRP D 152 8.87 -13.96 14.78
N THR D 153 9.30 -13.81 13.53
CA THR D 153 10.67 -13.50 13.20
C THR D 153 10.67 -12.38 12.17
N PHE D 154 11.76 -11.61 12.17
CA PHE D 154 11.98 -10.57 11.17
C PHE D 154 13.20 -10.93 10.32
N GLN D 155 13.32 -10.25 9.18
CA GLN D 155 14.57 -10.26 8.44
C GLN D 155 14.81 -8.86 7.89
N THR D 156 16.05 -8.57 7.57
CA THR D 156 16.38 -7.33 6.89
C THR D 156 17.64 -7.55 6.07
N LEU D 157 17.71 -6.91 4.89
CA LEU D 157 18.89 -6.96 4.05
C LEU D 157 19.44 -5.57 3.90
N VAL D 158 20.73 -5.41 4.21
CA VAL D 158 21.39 -4.11 4.20
C VAL D 158 22.61 -4.25 3.31
N MET D 159 22.57 -3.59 2.15
CA MET D 159 23.64 -3.69 1.15
C MET D 159 24.49 -2.44 1.15
N LEU D 160 25.79 -2.64 0.88
CA LEU D 160 26.74 -1.54 0.77
C LEU D 160 27.22 -1.42 -0.67
N GLU D 161 27.11 -0.23 -1.24
CA GLU D 161 27.70 0.05 -2.55
C GLU D 161 29.20 0.24 -2.38
N THR D 162 29.99 -0.54 -3.10
CA THR D 162 31.43 -0.35 -3.03
C THR D 162 32.07 -0.85 -4.32
N VAL D 163 33.33 -0.46 -4.49
CA VAL D 163 34.20 -1.01 -5.53
C VAL D 163 35.32 -1.75 -4.80
N PRO D 164 35.17 -3.06 -4.57
CA PRO D 164 36.15 -3.77 -3.74
C PRO D 164 37.52 -3.84 -4.40
N ARG D 165 38.56 -3.67 -3.60
CA ARG D 165 39.95 -3.75 -4.03
C ARG D 165 40.70 -4.75 -3.15
N SER D 166 41.82 -5.24 -3.68
CA SER D 166 42.63 -6.20 -2.95
C SER D 166 43.04 -5.63 -1.58
N GLY D 167 42.94 -6.46 -0.54
CA GLY D 167 43.39 -6.11 0.79
C GLY D 167 42.35 -5.55 1.73
N GLU D 168 41.23 -5.03 1.22
CA GLU D 168 40.24 -4.43 2.10
C GLU D 168 39.45 -5.49 2.84
N VAL D 169 39.01 -5.14 4.05
CA VAL D 169 38.20 -6.00 4.91
C VAL D 169 36.89 -5.27 5.19
N TYR D 170 35.79 -5.85 4.74
CA TYR D 170 34.46 -5.29 5.00
C TYR D 170 33.80 -6.05 6.14
N THR D 171 33.11 -5.33 7.01
CA THR D 171 32.50 -5.95 8.18
C THR D 171 31.09 -5.42 8.36
N CYS D 172 30.12 -6.34 8.40
CA CYS D 172 28.77 -6.02 8.83
C CYS D 172 28.68 -6.22 10.34
N GLN D 173 28.08 -5.27 11.03
CA GLN D 173 27.95 -5.30 12.49
C GLN D 173 26.49 -5.12 12.88
N VAL D 174 25.99 -6.03 13.70
CA VAL D 174 24.57 -6.04 14.06
C VAL D 174 24.43 -5.88 15.57
N GLU D 175 23.53 -4.99 15.98
CA GLU D 175 23.17 -4.80 17.38
C GLU D 175 21.68 -5.05 17.55
N HIS D 176 21.32 -5.76 18.61
CA HIS D 176 19.97 -6.26 18.77
C HIS D 176 19.73 -6.55 20.25
N PRO D 177 18.48 -6.41 20.73
CA PRO D 177 18.23 -6.64 22.16
C PRO D 177 18.64 -8.01 22.66
N SER D 178 18.61 -9.05 21.82
CA SER D 178 18.98 -10.39 22.26
C SER D 178 20.48 -10.53 22.51
N LEU D 179 21.30 -9.64 21.98
CA LEU D 179 22.74 -9.79 22.06
C LEU D 179 23.31 -9.01 23.24
N THR D 180 24.31 -9.59 23.88
CA THR D 180 25.04 -8.90 24.92
C THR D 180 26.21 -8.09 24.36
N SER D 181 26.65 -8.40 23.16
CA SER D 181 27.72 -7.68 22.47
C SER D 181 27.41 -7.73 20.97
N PRO D 182 27.89 -6.75 20.21
CA PRO D 182 27.50 -6.69 18.79
C PRO D 182 28.05 -7.87 18.01
N LEU D 183 27.25 -8.34 17.06
CA LEU D 183 27.63 -9.44 16.17
C LEU D 183 28.25 -8.86 14.90
N THR D 184 29.44 -9.36 14.54
CA THR D 184 30.15 -8.89 13.35
C THR D 184 30.49 -10.06 12.45
N VAL D 185 30.37 -9.83 11.13
CA VAL D 185 30.73 -10.80 10.11
C VAL D 185 31.58 -10.09 9.07
N GLU D 186 32.69 -10.70 8.69
CA GLU D 186 33.67 -10.11 7.79
C GLU D 186 33.51 -10.65 6.37
N TRP D 187 33.85 -9.82 5.40
CA TRP D 187 34.10 -10.26 4.03
C TRP D 187 35.42 -9.64 3.59
N ARG D 188 36.39 -10.49 3.28
CA ARG D 188 37.69 -10.02 2.79
C ARG D 188 37.65 -9.98 1.27
N ALA D 189 37.95 -8.80 0.71
CA ALA D 189 37.85 -8.59 -0.72
C ALA D 189 38.79 -9.51 -1.50
N ARG D 190 38.22 -10.52 -2.15
CA ARG D 190 38.93 -11.35 -3.09
C ARG D 190 38.17 -11.37 -4.42
N SER D 191 38.85 -11.78 -5.47
CA SER D 191 38.25 -11.85 -6.79
C SER D 191 37.40 -13.11 -6.89
N GLU D 192 36.12 -12.92 -7.22
CA GLU D 192 35.12 -13.99 -7.26
C GLU D 192 35.03 -14.74 -5.93
N VAL E 5 -9.15 29.39 -27.62
CA VAL E 5 -9.13 28.34 -26.60
C VAL E 5 -10.32 28.46 -25.66
N SER E 6 -10.71 27.34 -25.07
CA SER E 6 -11.76 27.32 -24.08
C SER E 6 -11.17 27.30 -22.68
N LYS E 7 -11.99 27.69 -21.72
CA LYS E 7 -11.54 27.91 -20.36
C LYS E 7 -12.03 26.77 -19.47
N MET E 8 -11.11 26.16 -18.72
CA MET E 8 -11.49 25.20 -17.70
C MET E 8 -12.10 25.94 -16.52
N ARG E 9 -13.22 25.43 -16.00
CA ARG E 9 -13.92 26.09 -14.91
C ARG E 9 -13.51 25.49 -13.57
N MET E 10 -13.49 26.36 -12.56
CA MET E 10 -13.00 26.00 -11.24
C MET E 10 -14.19 25.80 -10.29
N ALA E 11 -14.20 24.69 -9.56
CA ALA E 11 -15.17 24.53 -8.50
C ALA E 11 -14.62 25.19 -7.24
N THR E 12 -15.52 25.77 -6.45
CA THR E 12 -15.06 26.50 -5.27
C THR E 12 -15.41 25.73 -4.01
N PRO E 13 -14.49 25.57 -3.07
CA PRO E 13 -14.85 24.95 -1.79
C PRO E 13 -15.64 25.95 -0.96
N LEU E 14 -16.57 25.43 -0.18
CA LEU E 14 -17.36 26.27 0.70
C LEU E 14 -16.61 26.51 2.00
N LEU E 15 -16.73 27.72 2.54
CA LEU E 15 -16.14 28.00 3.82
C LEU E 15 -16.99 27.40 4.93
N MET E 16 -16.35 26.67 5.83
CA MET E 16 -17.08 26.05 6.92
C MET E 16 -17.52 27.09 7.94
N GLN E 17 -18.52 26.71 8.73
CA GLN E 17 -19.00 27.56 9.81
C GLN E 17 -18.07 27.47 11.01
N ALA E 18 -17.62 28.62 11.49
CA ALA E 18 -16.66 28.64 12.60
C ALA E 18 -17.34 28.96 13.93
N GLY E 19 -16.60 29.55 14.86
CA GLY E 19 -17.13 29.91 16.16
C GLY E 19 -16.47 29.17 17.30
N ALA F 1 -2.70 -32.88 35.99
CA ALA F 1 -1.79 -31.89 36.58
C ALA F 1 -2.20 -30.46 36.24
N PHE F 2 -2.30 -29.62 37.27
CA PHE F 2 -2.66 -28.22 37.09
C PHE F 2 -1.42 -27.39 36.78
N ALA F 3 -1.64 -26.23 36.16
CA ALA F 3 -0.58 -25.40 35.65
C ALA F 3 -0.80 -23.96 36.08
N PRO F 4 0.24 -23.11 36.01
CA PRO F 4 0.06 -21.69 36.35
C PRO F 4 -1.11 -21.08 35.58
N VAL F 5 -1.92 -20.30 36.29
CA VAL F 5 -3.15 -19.75 35.74
C VAL F 5 -2.79 -18.53 34.88
N SER F 6 -3.02 -18.66 33.57
CA SER F 6 -2.77 -17.61 32.60
C SER F 6 -3.82 -17.75 31.50
N LYS F 7 -5.06 -17.45 31.85
CA LYS F 7 -6.18 -17.55 30.94
C LYS F 7 -6.34 -16.23 30.19
N MET F 8 -6.50 -16.32 28.87
CA MET F 8 -6.71 -15.14 28.03
C MET F 8 -8.17 -14.72 28.10
N ARG F 9 -8.42 -13.46 28.43
CA ARG F 9 -9.77 -12.96 28.56
C ARG F 9 -10.18 -12.26 27.28
N MET F 10 -11.38 -12.55 26.80
CA MET F 10 -11.82 -12.00 25.52
C MET F 10 -12.85 -10.89 25.76
N ALA F 11 -12.74 -9.84 24.97
CA ALA F 11 -13.74 -8.78 24.99
C ALA F 11 -14.95 -9.19 24.18
N THR F 12 -16.11 -8.62 24.53
CA THR F 12 -17.34 -8.98 23.87
C THR F 12 -17.91 -7.79 23.10
N PRO F 13 -18.27 -7.95 21.84
CA PRO F 13 -18.95 -6.86 21.13
C PRO F 13 -20.40 -6.77 21.52
N LEU F 14 -20.93 -5.55 21.46
CA LEU F 14 -22.31 -5.31 21.78
C LEU F 14 -23.17 -5.60 20.55
N LEU F 15 -24.37 -6.12 20.79
CA LEU F 15 -25.38 -6.18 19.75
C LEU F 15 -25.91 -4.78 19.48
N MET F 16 -25.95 -4.40 18.21
CA MET F 16 -26.20 -3.03 17.85
C MET F 16 -27.69 -2.68 17.86
N GLN F 17 -27.94 -1.40 17.59
CA GLN F 17 -29.30 -0.86 17.56
C GLN F 17 -30.04 -1.36 16.32
N ALA F 18 -31.19 -1.96 16.54
CA ALA F 18 -32.03 -2.46 15.46
C ALA F 18 -33.22 -1.52 15.32
N GLY F 19 -33.14 -0.59 14.37
CA GLY F 19 -34.24 0.31 14.09
C GLY F 19 -34.68 1.19 15.24
C1 EDO G . 11.69 16.77 5.45
O1 EDO G . 13.07 17.16 5.42
C2 EDO G . 11.58 15.25 5.44
O2 EDO G . 10.20 14.91 5.27
C1 EDO H . -8.36 1.64 -2.83
O1 EDO H . -8.79 2.99 -2.61
C2 EDO H . -6.87 1.51 -2.54
O2 EDO H . -6.57 1.73 -1.15
C1 EDO I . 5.64 24.76 -10.26
O1 EDO I . 5.82 23.42 -10.73
C2 EDO I . 4.90 24.71 -8.93
O2 EDO I . 5.62 23.90 -8.01
C1 EDO J . 15.06 19.29 6.78
O1 EDO J . 13.65 19.26 7.03
C2 EDO J . 15.35 19.28 5.29
O2 EDO J . 16.76 19.25 5.08
C1 EDO K . -11.21 6.09 -14.55
O1 EDO K . -11.90 5.07 -13.82
C2 EDO K . -11.14 5.70 -16.03
O2 EDO K . -10.10 4.76 -16.27
C1 EDO L . -27.26 14.96 -14.60
O1 EDO L . -27.57 15.35 -15.95
C2 EDO L . -27.03 13.45 -14.55
O2 EDO L . -26.22 13.06 -15.66
C1 EDO M . -8.25 -1.98 -27.91
O1 EDO M . -8.13 -2.60 -29.21
C2 EDO M . -7.75 -2.92 -26.82
O2 EDO M . -7.97 -2.35 -25.52
C1 EDO N . 1.55 1.47 -35.12
O1 EDO N . 2.43 2.28 -35.90
C2 EDO N . 2.38 0.38 -34.45
O2 EDO N . 3.51 0.98 -33.82
C1 EDO O . -0.15 -14.84 -33.25
O1 EDO O . 0.02 -13.48 -33.65
C2 EDO O . -1.65 -15.08 -33.09
O2 EDO O . -2.31 -14.59 -34.26
C1 EDO P . -0.74 -0.81 8.43
O1 EDO P . 0.32 -0.17 9.14
C2 EDO P . -0.63 -2.32 8.64
O2 EDO P . -0.78 -2.63 10.03
C1 EDO Q . -13.70 -6.39 -10.28
O1 EDO Q . -13.10 -5.84 -9.10
C2 EDO Q . -12.89 -6.00 -11.51
O2 EDO Q . -11.57 -6.53 -11.38
CAC FLC R . -12.96 -20.54 -7.01
CA FLC R . -13.11 -19.57 -5.84
CB FLC R . -12.83 -18.14 -6.29
CBC FLC R . -14.12 -17.56 -6.91
CG FLC R . -12.37 -17.30 -5.10
CGC FLC R . -11.70 -16.00 -5.57
OA1 FLC R . -11.97 -21.31 -7.08
OA2 FLC R . -13.83 -20.57 -7.93
OB1 FLC R . -15.24 -18.06 -6.60
OB2 FLC R . -14.09 -16.61 -7.73
OG1 FLC R . -11.50 -15.05 -4.76
OG2 FLC R . -11.34 -15.87 -6.76
OHB FLC R . -11.80 -18.17 -7.23
C1 EDO S . 29.07 1.97 -6.37
O1 EDO S . 29.50 2.16 -7.73
C2 EDO S . 29.14 0.51 -5.94
O2 EDO S . 27.95 -0.25 -6.20
C1 EDO T . 33.62 -9.27 -5.66
O1 EDO T . 34.98 -9.35 -6.12
C2 EDO T . 33.07 -10.68 -5.47
O2 EDO T . 32.64 -11.24 -6.72
C1 EDO U . 12.64 -16.41 23.66
O1 EDO U . 12.74 -15.22 24.46
C2 EDO U . 11.43 -17.24 24.07
O2 EDO U . 10.25 -16.42 24.05
C1 EDO V . 24.20 -5.79 20.96
O1 EDO V . 23.02 -4.99 20.91
C2 EDO V . 25.23 -5.11 21.86
O2 EDO V . 25.64 -3.87 21.26
CAC FLC W . -19.57 25.61 -11.67
CA FLC W . -18.89 26.12 -10.40
CB FLC W . -19.97 26.49 -9.37
CBC FLC W . -20.35 25.27 -8.52
CG FLC W . -19.42 27.62 -8.50
CGC FLC W . -18.03 27.27 -7.96
OA1 FLC W . -20.38 24.66 -11.58
OA2 FLC W . -19.31 26.12 -12.79
OB1 FLC W . -21.22 25.36 -7.62
OB2 FLC W . -19.79 24.15 -8.73
OG1 FLC W . -17.84 26.21 -7.31
OG2 FLC W . -17.10 28.08 -8.16
OHB FLC W . -21.12 26.98 -10.01
C1 EDO X . -8.78 -9.51 38.35
O1 EDO X . -10.02 -9.91 37.75
C2 EDO X . -8.27 -8.25 37.66
O2 EDO X . -9.28 -7.22 37.68
#